data_4GM9
#
_entry.id   4GM9
#
_cell.length_a   46.904
_cell.length_b   47.242
_cell.length_c   68.896
_cell.angle_alpha   88.50
_cell.angle_beta   89.50
_cell.angle_gamma   74.53
#
_symmetry.space_group_name_H-M   'P 1'
#
loop_
_entity.id
_entity.type
_entity.pdbx_description
1 polymer 'WD repeat-containing protein 5'
2 polymer MM-401
3 water water
#
loop_
_entity_poly.entity_id
_entity_poly.type
_entity_poly.pdbx_seq_one_letter_code
_entity_poly.pdbx_strand_id
1 'polypeptide(L)'
;SATQSKPTPVKPNYALKFTLAGHTKAVSSVKFSPNGEWLASSSADKLIKIWGAYDGKFEKTISGHKLGISDVAWSSDSNL
LVSASDDKTLKIWDVSSGKCLKTLKGHSNYVFCCNFNPQSNLIVSGSFDESVRIWDVKTGKCLKTLPAHSDPVSAVHFNR
DGSLIVSSSYDGLCRIWDTASGQCLKTLIDDDNPPVSFVKFSPNGKYILAATLDNTLKLWDYSKGKCLKTYTGHKNEKYC
IFANFSVTGGKWIVSGSEDNLVYIWNLQTKEIVQKLQGHTDVVISTACHPTENIIASAALENDKTIKLWKSDC
;
A,B
2 'polypeptide(L)' (ALQ)(0XO)R(ABA)(PG9) E,F
#
loop_
_chem_comp.id
_chem_comp.type
_chem_comp.name
_chem_comp.formula
ALQ non-polymer '2-METHYL-PROPIONIC ACID' 'C4 H8 O2'
#
# COMPACT_ATOMS: atom_id res chain seq x y z
N THR A 3 -13.68 -9.68 -14.85
CA THR A 3 -13.47 -8.25 -14.78
C THR A 3 -14.18 -7.52 -15.91
N GLN A 4 -15.37 -8.00 -16.26
CA GLN A 4 -16.25 -7.19 -17.08
C GLN A 4 -16.92 -6.24 -16.10
N SER A 5 -17.21 -6.75 -14.91
CA SER A 5 -18.07 -6.07 -13.96
C SER A 5 -17.43 -5.82 -12.61
N LYS A 6 -17.72 -4.66 -12.04
CA LYS A 6 -17.31 -4.36 -10.68
C LYS A 6 -18.45 -4.61 -9.71
N PRO A 7 -18.31 -5.65 -8.86
CA PRO A 7 -19.30 -5.95 -7.82
C PRO A 7 -19.46 -4.77 -6.88
N THR A 8 -20.68 -4.29 -6.71
CA THR A 8 -20.92 -3.12 -5.89
C THR A 8 -22.02 -3.34 -4.85
N PRO A 9 -21.70 -4.10 -3.79
CA PRO A 9 -22.71 -4.40 -2.76
C PRO A 9 -23.25 -3.11 -2.14
N VAL A 10 -24.52 -3.10 -1.79
CA VAL A 10 -25.10 -1.98 -1.08
C VAL A 10 -25.14 -2.26 0.42
N LYS A 11 -25.17 -3.55 0.77
CA LYS A 11 -25.25 -4.01 2.15
C LYS A 11 -24.56 -5.36 2.34
N PRO A 12 -23.80 -5.52 3.45
CA PRO A 12 -23.28 -6.84 3.82
C PRO A 12 -24.35 -7.64 4.57
N ASN A 13 -24.11 -8.91 4.79
CA ASN A 13 -25.06 -9.74 5.53
C ASN A 13 -24.39 -10.55 6.64
N TYR A 14 -23.61 -9.87 7.48
CA TYR A 14 -23.00 -10.53 8.62
C TYR A 14 -24.05 -11.21 9.48
N ALA A 15 -23.79 -12.47 9.80
CA ALA A 15 -24.70 -13.29 10.58
C ALA A 15 -23.86 -14.08 11.57
N LEU A 16 -24.39 -14.24 12.78
CA LEU A 16 -23.66 -14.89 13.86
C LEU A 16 -23.35 -16.36 13.55
N LYS A 17 -22.11 -16.75 13.75
CA LYS A 17 -21.70 -18.14 13.54
C LYS A 17 -21.21 -18.81 14.81
N PHE A 18 -20.48 -18.07 15.65
CA PHE A 18 -19.91 -18.63 16.87
C PHE A 18 -19.91 -17.65 18.03
N THR A 19 -20.08 -18.17 19.24
CA THR A 19 -19.95 -17.37 20.46
C THR A 19 -18.87 -18.03 21.32
N LEU A 20 -17.85 -17.25 21.67
CA LEU A 20 -16.68 -17.75 22.35
C LEU A 20 -16.70 -17.36 23.84
N ALA A 21 -16.89 -18.34 24.71
CA ALA A 21 -16.93 -18.10 26.14
C ALA A 21 -15.68 -18.65 26.82
N GLY A 22 -15.30 -18.07 27.95
CA GLY A 22 -14.14 -18.53 28.69
C GLY A 22 -13.56 -17.49 29.61
N HIS A 23 -13.60 -16.23 29.20
CA HIS A 23 -13.13 -15.15 30.07
C HIS A 23 -14.07 -15.02 31.27
N THR A 24 -13.51 -14.68 32.42
CA THR A 24 -14.29 -14.59 33.66
C THR A 24 -14.60 -13.14 34.08
N LYS A 25 -14.06 -12.17 33.34
CA LYS A 25 -14.44 -10.77 33.49
C LYS A 25 -14.58 -10.14 32.10
N ALA A 26 -14.87 -8.84 32.07
CA ALA A 26 -15.01 -8.11 30.81
C ALA A 26 -13.88 -8.39 29.83
N VAL A 27 -14.23 -8.61 28.57
CA VAL A 27 -13.23 -8.66 27.51
C VAL A 27 -12.89 -7.23 27.14
N SER A 28 -11.62 -6.97 26.82
CA SER A 28 -11.17 -5.60 26.54
C SER A 28 -10.80 -5.34 25.08
N SER A 29 -10.30 -6.36 24.39
CA SER A 29 -9.83 -6.19 23.02
C SER A 29 -9.73 -7.51 22.29
N VAL A 30 -10.11 -7.53 21.02
CA VAL A 30 -9.86 -8.67 20.15
C VAL A 30 -9.09 -8.26 18.89
N LYS A 31 -8.22 -9.14 18.41
CA LYS A 31 -7.39 -8.89 17.23
C LYS A 31 -7.11 -10.18 16.45
N PHE A 32 -7.36 -10.15 15.15
CA PHE A 32 -6.99 -11.26 14.26
C PHE A 32 -5.50 -11.22 13.93
N SER A 33 -4.85 -12.38 13.91
CA SER A 33 -3.45 -12.45 13.50
C SER A 33 -3.36 -12.05 12.04
N PRO A 34 -2.24 -11.41 11.65
CA PRO A 34 -2.01 -11.02 10.25
C PRO A 34 -2.13 -12.20 9.28
N ASN A 35 -1.75 -13.40 9.70
CA ASN A 35 -1.81 -14.56 8.81
C ASN A 35 -3.20 -15.19 8.74
N GLY A 36 -4.15 -14.60 9.45
CA GLY A 36 -5.55 -15.00 9.37
C GLY A 36 -5.91 -16.26 10.16
N GLU A 37 -4.95 -16.84 10.86
CA GLU A 37 -5.15 -18.12 11.50
C GLU A 37 -5.83 -18.04 12.87
N TRP A 38 -5.52 -16.98 13.61
CA TRP A 38 -5.90 -16.90 15.02
C TRP A 38 -6.62 -15.62 15.40
N LEU A 39 -7.38 -15.68 16.49
CA LEU A 39 -7.93 -14.50 17.12
C LEU A 39 -7.40 -14.45 18.55
N ALA A 40 -6.86 -13.31 18.95
CA ALA A 40 -6.39 -13.12 20.32
C ALA A 40 -7.34 -12.18 21.06
N SER A 41 -7.60 -12.47 22.32
CA SER A 41 -8.46 -11.64 23.15
C SER A 41 -7.79 -11.29 24.47
N SER A 42 -8.00 -10.06 24.93
CA SER A 42 -7.52 -9.66 26.26
C SER A 42 -8.70 -9.33 27.15
N SER A 43 -8.48 -9.36 28.46
CA SER A 43 -9.58 -9.24 29.42
C SER A 43 -9.17 -8.65 30.75
N ALA A 44 -10.15 -8.10 31.47
CA ALA A 44 -9.93 -7.65 32.83
C ALA A 44 -9.54 -8.80 33.74
N ASP A 45 -9.77 -10.04 33.27
CA ASP A 45 -9.42 -11.22 34.07
C ASP A 45 -7.92 -11.52 34.07
N LYS A 46 -7.13 -10.59 33.53
CA LYS A 46 -5.67 -10.69 33.54
C LYS A 46 -5.15 -11.68 32.50
N LEU A 47 -6.05 -12.23 31.70
CA LEU A 47 -5.67 -13.28 30.76
C LEU A 47 -5.76 -12.85 29.30
N ILE A 48 -4.93 -13.50 28.50
CA ILE A 48 -5.04 -13.46 27.05
C ILE A 48 -5.48 -14.84 26.61
N LYS A 49 -6.44 -14.93 25.70
CA LYS A 49 -6.83 -16.21 25.13
C LYS A 49 -6.68 -16.23 23.61
N ILE A 50 -6.35 -17.40 23.07
CA ILE A 50 -6.18 -17.57 21.64
C ILE A 50 -7.25 -18.52 21.09
N TRP A 51 -7.87 -18.13 19.99
CA TRP A 51 -8.96 -18.91 19.39
C TRP A 51 -8.70 -19.13 17.90
N GLY A 52 -9.29 -20.18 17.34
CA GLY A 52 -9.25 -20.39 15.91
C GLY A 52 -10.03 -19.30 15.19
N ALA A 53 -9.40 -18.66 14.21
CA ALA A 53 -10.02 -17.52 13.53
C ALA A 53 -11.29 -17.88 12.77
N TYR A 54 -11.37 -19.10 12.27
CA TYR A 54 -12.49 -19.49 11.41
C TYR A 54 -13.58 -20.28 12.13
N ASP A 55 -13.21 -21.03 13.15
CA ASP A 55 -14.16 -21.90 13.84
C ASP A 55 -14.31 -21.51 15.31
N GLY A 56 -13.60 -20.47 15.72
CA GLY A 56 -13.68 -19.99 17.09
C GLY A 56 -13.28 -21.01 18.13
N LYS A 57 -12.57 -22.06 17.72
CA LYS A 57 -12.15 -23.11 18.66
C LYS A 57 -11.08 -22.62 19.63
N PHE A 58 -11.32 -22.84 20.92
CA PHE A 58 -10.34 -22.46 21.93
C PHE A 58 -9.02 -23.16 21.73
N GLU A 59 -7.93 -22.42 21.86
CA GLU A 59 -6.60 -22.94 21.61
C GLU A 59 -5.75 -22.94 22.88
N LYS A 60 -5.64 -21.79 23.53
CA LYS A 60 -4.85 -21.69 24.75
C LYS A 60 -5.12 -20.43 25.55
N THR A 61 -4.73 -20.47 26.82
CA THR A 61 -4.76 -19.30 27.68
C THR A 61 -3.33 -18.89 27.98
N ILE A 62 -3.07 -17.60 27.91
CA ILE A 62 -1.74 -17.07 28.21
C ILE A 62 -1.84 -16.17 29.45
N SER A 63 -0.97 -16.40 30.43
CA SER A 63 -1.08 -15.67 31.69
C SER A 63 0.26 -15.16 32.20
N GLY A 64 0.22 -14.22 33.14
CA GLY A 64 1.43 -13.68 33.73
C GLY A 64 1.27 -12.27 34.25
N HIS A 65 0.41 -11.49 33.62
CA HIS A 65 0.13 -10.14 34.09
C HIS A 65 -0.49 -10.20 35.49
N LYS A 66 -0.16 -9.23 36.33
CA LYS A 66 -0.65 -9.20 37.71
C LYS A 66 -1.99 -8.47 37.86
N LEU A 67 -2.38 -7.72 36.83
CA LEU A 67 -3.66 -7.02 36.82
C LEU A 67 -4.27 -7.10 35.43
N GLY A 68 -5.46 -6.55 35.26
CA GLY A 68 -6.19 -6.67 34.01
C GLY A 68 -5.45 -6.12 32.80
N ILE A 69 -5.87 -6.58 31.62
CA ILE A 69 -5.25 -6.19 30.36
C ILE A 69 -6.24 -5.39 29.52
N SER A 70 -5.82 -4.21 29.04
CA SER A 70 -6.71 -3.36 28.26
C SER A 70 -6.55 -3.51 26.75
N ASP A 71 -5.46 -4.15 26.30
CA ASP A 71 -5.20 -4.22 24.87
C ASP A 71 -4.17 -5.30 24.54
N VAL A 72 -4.24 -5.83 23.34
CA VAL A 72 -3.27 -6.82 22.87
C VAL A 72 -3.05 -6.63 21.37
N ALA A 73 -1.86 -6.97 20.88
CA ALA A 73 -1.54 -6.76 19.48
C ALA A 73 -0.53 -7.78 18.95
N TRP A 74 -0.63 -8.07 17.65
CA TRP A 74 0.21 -9.09 16.99
C TRP A 74 1.42 -8.49 16.27
N SER A 75 2.51 -9.23 16.23
CA SER A 75 3.63 -8.89 15.37
C SER A 75 3.28 -9.26 13.93
N SER A 76 3.98 -8.68 12.97
CA SER A 76 3.68 -8.90 11.56
C SER A 76 3.76 -10.37 11.14
N ASP A 77 4.59 -11.16 11.81
CA ASP A 77 4.72 -12.57 11.42
C ASP A 77 3.80 -13.49 12.22
N SER A 78 2.92 -12.90 13.03
CA SER A 78 1.93 -13.68 13.78
C SER A 78 2.55 -14.58 14.84
N ASN A 79 3.82 -14.38 15.14
CA ASN A 79 4.51 -15.20 16.12
C ASN A 79 4.55 -14.60 17.52
N LEU A 80 4.44 -13.28 17.60
CA LEU A 80 4.47 -12.58 18.88
C LEU A 80 3.20 -11.78 19.17
N LEU A 81 2.91 -11.62 20.45
CA LEU A 81 1.86 -10.72 20.93
C LEU A 81 2.48 -9.74 21.91
N VAL A 82 1.95 -8.53 21.96
CA VAL A 82 2.25 -7.63 23.07
C VAL A 82 0.96 -7.28 23.79
N SER A 83 1.04 -7.12 25.10
CA SER A 83 -0.14 -6.79 25.91
C SER A 83 0.10 -5.58 26.80
N ALA A 84 -0.95 -4.78 27.00
CA ALA A 84 -0.89 -3.60 27.86
C ALA A 84 -1.76 -3.79 29.10
N SER A 85 -1.18 -3.59 30.28
CA SER A 85 -1.84 -3.95 31.53
C SER A 85 -1.91 -2.83 32.57
N ASP A 86 -2.89 -2.94 33.46
CA ASP A 86 -3.02 -2.04 34.59
C ASP A 86 -1.83 -2.19 35.54
N ASP A 87 -1.07 -3.28 35.41
CA ASP A 87 0.11 -3.48 36.27
C ASP A 87 1.30 -2.62 35.82
N LYS A 88 1.03 -1.68 34.91
CA LYS A 88 1.99 -0.66 34.48
C LYS A 88 3.06 -1.16 33.52
N THR A 89 2.93 -2.42 33.10
CA THR A 89 3.89 -2.99 32.17
C THR A 89 3.23 -3.47 30.89
N LEU A 90 4.03 -3.65 29.86
CA LEU A 90 3.60 -4.42 28.71
C LEU A 90 4.38 -5.72 28.76
N LYS A 91 3.83 -6.77 28.15
CA LYS A 91 4.56 -8.01 28.05
C LYS A 91 4.59 -8.48 26.60
N ILE A 92 5.71 -9.07 26.21
CA ILE A 92 5.84 -9.67 24.89
C ILE A 92 5.76 -11.19 25.05
N TRP A 93 4.88 -11.81 24.28
CA TRP A 93 4.64 -13.24 24.40
C TRP A 93 5.00 -13.98 23.14
N ASP A 94 5.58 -15.16 23.31
CA ASP A 94 5.75 -16.09 22.19
C ASP A 94 4.44 -16.87 22.12
N VAL A 95 3.69 -16.72 21.04
CA VAL A 95 2.35 -17.31 20.99
C VAL A 95 2.38 -18.83 21.01
N SER A 96 3.33 -19.41 20.30
CA SER A 96 3.44 -20.86 20.20
C SER A 96 3.62 -21.52 21.56
N SER A 97 4.55 -21.01 22.36
CA SER A 97 4.85 -21.60 23.66
C SER A 97 3.94 -21.04 24.74
N GLY A 98 3.42 -19.84 24.51
CA GLY A 98 2.58 -19.17 25.48
C GLY A 98 3.36 -18.46 26.57
N LYS A 99 4.68 -18.42 26.40
CA LYS A 99 5.57 -17.87 27.42
C LYS A 99 5.88 -16.39 27.25
N CYS A 100 6.05 -15.70 28.37
CA CYS A 100 6.48 -14.30 28.36
C CYS A 100 7.97 -14.22 28.02
N LEU A 101 8.29 -13.40 27.02
CA LEU A 101 9.67 -13.25 26.56
C LEU A 101 10.34 -12.04 27.20
N LYS A 102 9.56 -10.97 27.36
CA LYS A 102 10.06 -9.72 27.91
C LYS A 102 8.95 -9.01 28.66
N THR A 103 9.33 -8.29 29.71
CA THR A 103 8.44 -7.39 30.44
C THR A 103 8.97 -5.97 30.24
N LEU A 104 8.15 -5.11 29.63
CA LEU A 104 8.54 -3.74 29.35
C LEU A 104 8.13 -2.80 30.50
N LYS A 105 9.12 -2.31 31.23
CA LYS A 105 8.86 -1.49 32.41
C LYS A 105 9.29 -0.05 32.20
N GLY A 106 8.47 0.89 32.66
CA GLY A 106 8.77 2.31 32.49
C GLY A 106 7.57 3.20 32.77
N HIS A 107 6.41 2.83 32.25
CA HIS A 107 5.20 3.60 32.54
C HIS A 107 4.92 3.65 34.04
N SER A 108 4.27 4.71 34.48
CA SER A 108 4.02 4.94 35.90
C SER A 108 2.53 4.87 36.23
N ASN A 109 1.74 4.33 35.31
CA ASN A 109 0.31 4.16 35.51
C ASN A 109 -0.19 3.14 34.50
N TYR A 110 -1.49 2.88 34.49
CA TYR A 110 -2.06 1.85 33.62
C TYR A 110 -1.56 2.01 32.18
N VAL A 111 -1.14 0.90 31.56
CA VAL A 111 -0.83 0.93 30.14
C VAL A 111 -2.12 0.58 29.38
N PHE A 112 -2.51 1.46 28.46
CA PHE A 112 -3.85 1.43 27.90
C PHE A 112 -3.92 0.79 26.52
N CYS A 113 -2.86 0.98 25.72
CA CYS A 113 -2.90 0.61 24.31
C CYS A 113 -1.50 0.29 23.80
N CYS A 114 -1.44 -0.53 22.74
CA CYS A 114 -0.16 -0.99 22.22
C CYS A 114 -0.24 -1.51 20.78
N ASN A 115 0.91 -1.54 20.13
CA ASN A 115 1.01 -1.98 18.74
C ASN A 115 2.46 -2.22 18.36
N PHE A 116 2.70 -3.19 17.49
CA PHE A 116 3.99 -3.35 16.85
C PHE A 116 4.02 -2.43 15.65
N ASN A 117 5.22 -2.04 15.22
CA ASN A 117 5.36 -1.43 13.89
C ASN A 117 5.39 -2.53 12.83
N PRO A 118 5.19 -2.18 11.54
CA PRO A 118 5.15 -3.18 10.46
C PRO A 118 6.38 -4.09 10.46
N GLN A 119 7.55 -3.50 10.63
CA GLN A 119 8.79 -4.27 10.70
C GLN A 119 8.80 -5.15 11.96
N SER A 120 8.09 -4.71 12.98
CA SER A 120 7.95 -5.45 14.24
C SER A 120 9.24 -5.49 15.05
N ASN A 121 10.13 -4.55 14.79
CA ASN A 121 11.31 -4.38 15.62
C ASN A 121 11.04 -3.41 16.78
N LEU A 122 9.89 -2.74 16.72
CA LEU A 122 9.50 -1.78 17.76
C LEU A 122 8.08 -2.00 18.26
N ILE A 123 7.84 -1.60 19.51
CA ILE A 123 6.49 -1.52 20.05
C ILE A 123 6.21 -0.09 20.51
N VAL A 124 5.00 0.39 20.26
CA VAL A 124 4.56 1.68 20.77
C VAL A 124 3.46 1.47 21.80
N SER A 125 3.52 2.23 22.89
CA SER A 125 2.52 2.11 23.96
C SER A 125 1.98 3.48 24.37
N GLY A 126 0.78 3.49 24.93
CA GLY A 126 0.17 4.70 25.47
C GLY A 126 -0.39 4.39 26.84
N SER A 127 -0.32 5.36 27.74
CA SER A 127 -0.62 5.09 29.15
C SER A 127 -1.45 6.18 29.84
N PHE A 128 -2.05 5.82 30.98
CA PHE A 128 -2.72 6.79 31.83
C PHE A 128 -1.72 7.82 32.32
N ASP A 129 -0.43 7.49 32.26
CA ASP A 129 0.60 8.44 32.69
C ASP A 129 0.80 9.56 31.67
N GLU A 130 0.04 9.50 30.58
CA GLU A 130 -0.04 10.60 29.61
C GLU A 130 1.13 10.61 28.62
N SER A 131 1.94 9.56 28.65
CA SER A 131 3.06 9.48 27.72
C SER A 131 2.83 8.40 26.66
N VAL A 132 3.57 8.52 25.57
CA VAL A 132 3.69 7.48 24.56
C VAL A 132 5.13 6.97 24.63
N ARG A 133 5.31 5.66 24.71
CA ARG A 133 6.65 5.11 24.77
C ARG A 133 6.96 4.20 23.59
N ILE A 134 8.21 4.26 23.12
CA ILE A 134 8.67 3.43 22.02
C ILE A 134 9.71 2.42 22.53
N TRP A 135 9.48 1.15 22.26
CA TRP A 135 10.31 0.10 22.85
C TRP A 135 11.02 -0.74 21.79
N ASP A 136 12.24 -1.15 22.11
CA ASP A 136 12.98 -2.08 21.29
C ASP A 136 12.51 -3.50 21.62
N VAL A 137 11.96 -4.19 20.64
CA VAL A 137 11.45 -5.54 20.84
C VAL A 137 12.57 -6.50 21.24
N LYS A 138 13.70 -6.41 20.55
CA LYS A 138 14.82 -7.33 20.79
C LYS A 138 15.35 -7.27 22.22
N THR A 139 15.48 -6.07 22.76
CA THR A 139 16.09 -5.89 24.08
C THR A 139 15.05 -5.65 25.19
N GLY A 140 13.86 -5.21 24.82
CA GLY A 140 12.84 -4.89 25.80
C GLY A 140 13.06 -3.55 26.48
N LYS A 141 14.00 -2.77 25.96
CA LYS A 141 14.34 -1.48 26.54
C LYS A 141 13.48 -0.37 25.96
N CYS A 142 13.22 0.65 26.77
CA CYS A 142 12.52 1.82 26.29
C CYS A 142 13.49 2.69 25.52
N LEU A 143 13.17 2.96 24.26
CA LEU A 143 14.02 3.79 23.43
C LEU A 143 13.68 5.27 23.58
N LYS A 144 12.38 5.58 23.54
CA LYS A 144 11.94 6.96 23.65
C LYS A 144 10.71 7.11 24.52
N THR A 145 10.64 8.21 25.25
CA THR A 145 9.44 8.56 25.99
C THR A 145 8.97 9.92 25.50
N LEU A 146 7.77 9.95 24.93
CA LEU A 146 7.20 11.19 24.44
C LEU A 146 6.23 11.75 25.48
N PRO A 147 6.42 13.02 25.86
CA PRO A 147 5.41 13.70 26.67
C PRO A 147 4.26 14.07 25.74
N ALA A 148 3.48 13.06 25.37
CA ALA A 148 2.58 13.15 24.22
C ALA A 148 1.30 13.95 24.47
N HIS A 149 0.75 13.84 25.68
CA HIS A 149 -0.55 14.42 25.97
C HIS A 149 -0.66 14.92 27.40
N SER A 150 -1.79 15.54 27.73
CA SER A 150 -2.03 16.02 29.08
C SER A 150 -3.18 15.27 29.76
N ASP A 151 -3.45 14.06 29.29
CA ASP A 151 -4.44 13.17 29.88
C ASP A 151 -4.19 11.76 29.34
N PRO A 152 -4.83 10.73 29.95
CA PRO A 152 -4.56 9.36 29.51
C PRO A 152 -4.56 9.20 27.99
N VAL A 153 -3.65 8.37 27.49
CA VAL A 153 -3.54 8.12 26.06
C VAL A 153 -4.37 6.88 25.70
N SER A 154 -5.37 7.10 24.85
CA SER A 154 -6.38 6.08 24.56
C SER A 154 -6.02 5.16 23.37
N ALA A 155 -5.11 5.61 22.50
CA ALA A 155 -4.73 4.80 21.35
C ALA A 155 -3.39 5.20 20.74
N VAL A 156 -2.73 4.23 20.13
CA VAL A 156 -1.47 4.45 19.41
C VAL A 156 -1.35 3.43 18.27
N HIS A 157 -0.93 3.92 17.11
CA HIS A 157 -0.89 3.09 15.91
C HIS A 157 0.21 3.58 14.98
N PHE A 158 0.98 2.65 14.42
CA PHE A 158 2.01 2.96 13.43
C PHE A 158 1.40 3.01 12.04
N ASN A 159 1.97 3.83 11.17
CA ASN A 159 1.58 3.80 9.77
C ASN A 159 2.29 2.65 9.07
N ARG A 160 2.07 2.51 7.76
CA ARG A 160 2.40 1.27 7.07
C ARG A 160 3.88 0.98 6.87
N ASP A 161 4.75 1.96 7.09
CA ASP A 161 6.18 1.72 7.07
C ASP A 161 6.82 2.07 8.42
N GLY A 162 5.97 2.39 9.39
CA GLY A 162 6.43 2.65 10.73
C GLY A 162 7.15 3.98 10.90
N SER A 163 7.04 4.85 9.91
CA SER A 163 7.71 6.15 10.00
C SER A 163 6.91 7.11 10.85
N LEU A 164 5.61 6.85 10.98
CA LEU A 164 4.71 7.71 11.76
C LEU A 164 3.98 6.95 12.86
N ILE A 165 3.72 7.65 13.96
CA ILE A 165 2.83 7.16 15.02
C ILE A 165 1.68 8.13 15.18
N VAL A 166 0.46 7.62 15.28
CA VAL A 166 -0.67 8.46 15.63
C VAL A 166 -1.15 8.11 17.04
N SER A 167 -1.42 9.13 17.84
CA SER A 167 -1.93 8.92 19.19
C SER A 167 -3.18 9.75 19.44
N SER A 168 -4.02 9.26 20.36
CA SER A 168 -5.24 9.95 20.72
C SER A 168 -5.29 10.05 22.23
N SER A 169 -6.05 11.00 22.75
CA SER A 169 -6.08 11.22 24.18
C SER A 169 -7.38 11.83 24.70
N TYR A 170 -7.59 11.65 26.00
CA TYR A 170 -8.71 12.27 26.70
C TYR A 170 -8.56 13.79 26.75
N ASP A 171 -7.38 14.30 26.38
CA ASP A 171 -7.19 15.75 26.34
C ASP A 171 -7.88 16.39 25.13
N GLY A 172 -8.39 15.56 24.23
CA GLY A 172 -9.17 16.05 23.10
C GLY A 172 -8.36 16.14 21.82
N LEU A 173 -7.10 15.74 21.90
CA LEU A 173 -6.18 15.89 20.77
C LEU A 173 -5.82 14.58 20.08
N CYS A 174 -5.56 14.71 18.77
CA CYS A 174 -4.92 13.65 18.00
CA CYS A 174 -4.92 13.65 18.02
C CYS A 174 -3.59 14.18 17.52
N ARG A 175 -2.51 13.45 17.78
CA ARG A 175 -1.18 13.87 17.35
C ARG A 175 -0.46 12.83 16.50
N ILE A 176 0.31 13.33 15.54
CA ILE A 176 1.10 12.47 14.66
C ILE A 176 2.57 12.71 14.93
N TRP A 177 3.30 11.62 15.15
CA TRP A 177 4.69 11.72 15.57
C TRP A 177 5.63 11.09 14.54
N ASP A 178 6.79 11.71 14.37
CA ASP A 178 7.88 11.14 13.60
C ASP A 178 8.59 10.08 14.45
N THR A 179 8.54 8.84 14.02
CA THR A 179 9.07 7.74 14.82
C THR A 179 10.55 7.89 15.15
N ALA A 180 11.34 8.23 14.12
CA ALA A 180 12.79 8.32 14.25
C ALA A 180 13.25 9.37 15.27
N SER A 181 12.58 10.52 15.32
CA SER A 181 13.02 11.62 16.17
C SER A 181 12.18 11.78 17.43
N GLY A 182 10.94 11.28 17.38
CA GLY A 182 10.03 11.43 18.50
C GLY A 182 9.39 12.79 18.56
N GLN A 183 9.66 13.62 17.56
CA GLN A 183 9.11 14.97 17.53
C GLN A 183 7.71 14.98 16.90
N CYS A 184 6.83 15.85 17.41
CA CYS A 184 5.47 15.94 16.91
C CYS A 184 5.46 16.55 15.51
N LEU A 185 4.71 15.94 14.60
CA LEU A 185 4.61 16.46 13.24
C LEU A 185 3.33 17.27 13.05
N LYS A 186 2.29 16.95 13.82
CA LYS A 186 0.99 17.59 13.62
C LYS A 186 0.03 17.33 14.77
N THR A 187 -0.77 18.34 15.09
CA THR A 187 -1.85 18.19 16.06
C THR A 187 -3.17 18.53 15.39
N LEU A 188 -4.14 17.63 15.49
CA LEU A 188 -5.49 17.92 15.02
C LEU A 188 -6.41 18.21 16.23
N ILE A 189 -7.12 19.33 16.17
CA ILE A 189 -7.98 19.74 17.27
C ILE A 189 -9.43 19.92 16.80
N ASP A 192 -14.00 22.79 19.70
CA ASP A 192 -14.37 22.03 20.90
C ASP A 192 -13.59 20.72 20.93
N ASN A 193 -13.15 20.31 22.12
CA ASN A 193 -12.29 19.14 22.21
C ASN A 193 -12.79 18.02 23.13
N PRO A 194 -13.82 17.28 22.70
CA PRO A 194 -14.24 16.11 23.48
C PRO A 194 -13.12 15.07 23.47
N PRO A 195 -13.10 14.18 24.46
CA PRO A 195 -12.05 13.14 24.48
C PRO A 195 -12.05 12.33 23.18
N VAL A 196 -10.85 12.17 22.60
CA VAL A 196 -10.67 11.29 21.45
C VAL A 196 -10.33 9.91 22.00
N SER A 197 -11.24 8.95 21.78
CA SER A 197 -11.18 7.65 22.44
C SER A 197 -10.51 6.56 21.61
N PHE A 198 -10.21 6.85 20.35
CA PHE A 198 -9.57 5.88 19.47
C PHE A 198 -9.12 6.52 18.17
N VAL A 199 -7.94 6.13 17.69
CA VAL A 199 -7.47 6.52 16.36
C VAL A 199 -6.71 5.36 15.74
N LYS A 200 -6.71 5.30 14.41
CA LYS A 200 -5.84 4.39 13.69
C LYS A 200 -5.69 4.84 12.24
N PHE A 201 -4.56 4.51 11.62
CA PHE A 201 -4.35 4.80 10.21
C PHE A 201 -5.21 3.86 9.36
N SER A 202 -5.68 4.38 8.23
CA SER A 202 -6.44 3.58 7.28
C SER A 202 -5.52 2.59 6.57
N PRO A 203 -6.11 1.52 5.98
CA PRO A 203 -5.36 0.47 5.29
C PRO A 203 -4.48 0.99 4.16
N ASN A 204 -4.84 2.13 3.58
CA ASN A 204 -4.07 2.72 2.50
C ASN A 204 -2.98 3.65 3.01
N GLY A 205 -3.04 3.98 4.31
CA GLY A 205 -2.04 4.83 4.94
C GLY A 205 -2.32 6.32 4.81
N LYS A 206 -3.39 6.68 4.11
CA LYS A 206 -3.65 8.07 3.79
C LYS A 206 -4.50 8.81 4.83
N TYR A 207 -5.33 8.08 5.56
CA TYR A 207 -6.25 8.71 6.49
C TYR A 207 -6.12 8.20 7.91
N ILE A 208 -6.70 8.92 8.85
CA ILE A 208 -6.88 8.42 10.21
C ILE A 208 -8.37 8.35 10.55
N LEU A 209 -8.79 7.22 11.09
CA LEU A 209 -10.13 7.08 11.63
C LEU A 209 -10.08 7.43 13.10
N ALA A 210 -10.87 8.40 13.53
CA ALA A 210 -10.81 8.86 14.92
C ALA A 210 -12.17 8.91 15.59
N ALA A 211 -12.27 8.32 16.78
CA ALA A 211 -13.52 8.36 17.55
C ALA A 211 -13.42 9.36 18.68
N THR A 212 -14.54 10.02 18.97
CA THR A 212 -14.62 10.91 20.13
C THR A 212 -15.84 10.57 20.99
N LEU A 213 -15.78 10.91 22.27
CA LEU A 213 -16.84 10.54 23.20
C LEU A 213 -18.07 11.45 23.08
N ASP A 214 -18.43 11.77 21.84
CA ASP A 214 -19.69 12.45 21.55
C ASP A 214 -20.45 11.68 20.47
N ASN A 215 -20.37 10.36 20.54
CA ASN A 215 -21.11 9.50 19.61
C ASN A 215 -20.71 9.71 18.14
N THR A 216 -19.43 9.96 17.90
CA THR A 216 -18.98 10.32 16.55
C THR A 216 -17.70 9.65 16.10
N LEU A 217 -17.71 9.16 14.85
CA LEU A 217 -16.50 8.70 14.17
C LEU A 217 -16.21 9.62 12.99
N LYS A 218 -14.93 9.93 12.76
CA LYS A 218 -14.54 10.84 11.69
C LYS A 218 -13.33 10.33 10.92
N LEU A 219 -13.42 10.42 9.60
CA LEU A 219 -12.31 10.05 8.73
C LEU A 219 -11.57 11.33 8.33
N TRP A 220 -10.28 11.39 8.66
CA TRP A 220 -9.48 12.59 8.45
C TRP A 220 -8.39 12.38 7.40
N ASP A 221 -8.17 13.40 6.58
CA ASP A 221 -6.96 13.48 5.79
C ASP A 221 -5.97 14.29 6.63
N TYR A 222 -5.02 13.62 7.25
CA TYR A 222 -4.20 14.27 8.27
C TYR A 222 -3.18 15.25 7.72
N SER A 223 -2.64 14.95 6.54
CA SER A 223 -1.67 15.85 5.90
C SER A 223 -2.35 17.11 5.36
N LYS A 224 -3.61 17.31 5.72
CA LYS A 224 -4.38 18.47 5.27
C LYS A 224 -5.28 18.99 6.38
N GLY A 225 -5.43 18.22 7.44
CA GLY A 225 -6.29 18.59 8.56
C GLY A 225 -7.74 18.72 8.16
N LYS A 226 -8.15 17.91 7.19
CA LYS A 226 -9.50 18.00 6.64
C LYS A 226 -10.32 16.75 6.94
N CYS A 227 -11.53 16.96 7.45
CA CYS A 227 -12.46 15.87 7.72
C CYS A 227 -13.22 15.52 6.45
N LEU A 228 -13.12 14.27 6.03
CA LEU A 228 -13.72 13.83 4.77
C LEU A 228 -15.06 13.13 4.97
N LYS A 229 -15.16 12.32 6.01
CA LYS A 229 -16.39 11.61 6.30
C LYS A 229 -16.68 11.60 7.80
N THR A 230 -17.95 11.47 8.14
CA THR A 230 -18.37 11.38 9.52
C THR A 230 -19.41 10.28 9.65
N TYR A 231 -19.33 9.51 10.73
CA TYR A 231 -20.26 8.42 10.95
C TYR A 231 -20.89 8.52 12.32
N THR A 232 -22.21 8.40 12.37
CA THR A 232 -22.93 8.55 13.63
C THR A 232 -24.14 7.61 13.63
N GLY A 233 -24.94 7.69 14.69
CA GLY A 233 -26.09 6.82 14.84
C GLY A 233 -25.89 5.78 15.93
N HIS A 234 -24.64 5.57 16.31
CA HIS A 234 -24.31 4.65 17.38
C HIS A 234 -24.18 5.40 18.72
N LYS A 235 -23.86 4.67 19.78
CA LYS A 235 -23.75 5.27 21.10
C LYS A 235 -22.34 5.10 21.69
N ASN A 236 -21.66 6.22 21.94
CA ASN A 236 -20.30 6.19 22.47
C ASN A 236 -19.96 7.48 23.22
N GLU A 237 -20.24 7.50 24.52
CA GLU A 237 -19.95 8.67 25.36
C GLU A 237 -19.10 8.31 26.57
N LYS A 238 -18.68 7.05 26.69
CA LYS A 238 -18.08 6.60 27.92
C LYS A 238 -16.82 5.75 27.75
N TYR A 239 -16.86 4.80 26.82
CA TYR A 239 -15.78 3.82 26.69
C TYR A 239 -14.91 4.05 25.46
N CYS A 240 -13.66 3.64 25.56
CA CYS A 240 -12.77 3.68 24.41
C CYS A 240 -12.99 2.46 23.53
N ILE A 241 -13.86 2.60 22.54
CA ILE A 241 -14.27 1.51 21.67
C ILE A 241 -13.44 1.46 20.38
N PHE A 242 -12.92 0.28 20.04
CA PHE A 242 -12.18 0.11 18.80
C PHE A 242 -13.07 0.33 17.59
N ALA A 243 -12.49 0.88 16.52
CA ALA A 243 -13.17 0.98 15.23
C ALA A 243 -12.27 0.40 14.13
N ASN A 244 -12.86 -0.02 13.01
CA ASN A 244 -12.10 -0.69 11.95
C ASN A 244 -12.50 -0.28 10.54
N PHE A 245 -11.58 -0.48 9.61
CA PHE A 245 -11.88 -0.45 8.19
C PHE A 245 -12.07 -1.89 7.75
N SER A 246 -13.20 -2.18 7.11
CA SER A 246 -13.43 -3.50 6.53
C SER A 246 -13.22 -3.37 5.02
N VAL A 247 -12.26 -4.11 4.48
CA VAL A 247 -11.86 -3.89 3.10
C VAL A 247 -11.76 -5.18 2.28
N THR A 248 -12.15 -6.30 2.90
CA THR A 248 -12.09 -7.59 2.22
C THR A 248 -13.20 -7.78 1.18
N GLY A 249 -14.34 -7.14 1.39
CA GLY A 249 -15.42 -7.14 0.43
C GLY A 249 -15.84 -5.72 0.12
N GLY A 250 -17.02 -5.33 0.56
CA GLY A 250 -17.44 -3.94 0.45
C GLY A 250 -16.59 -3.10 1.39
N LYS A 251 -16.51 -1.80 1.12
CA LYS A 251 -15.77 -0.87 1.96
C LYS A 251 -16.65 -0.36 3.09
N TRP A 252 -16.42 -0.88 4.30
CA TRP A 252 -17.24 -0.49 5.45
C TRP A 252 -16.42 0.11 6.58
N ILE A 253 -17.10 0.82 7.47
CA ILE A 253 -16.55 1.20 8.76
C ILE A 253 -17.30 0.39 9.80
N VAL A 254 -16.56 -0.20 10.72
CA VAL A 254 -17.12 -1.10 11.74
C VAL A 254 -16.77 -0.60 13.13
N SER A 255 -17.74 -0.63 14.04
CA SER A 255 -17.49 -0.20 15.42
C SER A 255 -18.43 -0.85 16.42
N GLY A 256 -17.95 -1.05 17.63
CA GLY A 256 -18.81 -1.46 18.71
C GLY A 256 -19.65 -0.27 19.15
N SER A 257 -20.52 -0.48 20.13
CA SER A 257 -21.44 0.56 20.53
C SER A 257 -21.94 0.30 21.95
N GLU A 258 -22.26 1.38 22.67
CA GLU A 258 -22.71 1.26 24.05
C GLU A 258 -24.18 0.83 24.16
N ASP A 259 -24.84 0.61 23.03
CA ASP A 259 -26.18 0.02 23.04
C ASP A 259 -26.16 -1.48 22.73
N ASN A 260 -24.99 -2.08 22.90
CA ASN A 260 -24.79 -3.52 22.74
C ASN A 260 -24.85 -4.04 21.29
N LEU A 261 -24.80 -3.12 20.33
CA LEU A 261 -24.83 -3.52 18.91
C LEU A 261 -23.48 -3.28 18.23
N VAL A 262 -23.22 -4.03 17.17
CA VAL A 262 -22.11 -3.73 16.26
C VAL A 262 -22.66 -2.91 15.10
N TYR A 263 -22.06 -1.76 14.83
CA TYR A 263 -22.51 -0.91 13.74
C TYR A 263 -21.60 -1.04 12.53
N ILE A 264 -22.21 -1.08 11.34
CA ILE A 264 -21.47 -1.11 10.09
C ILE A 264 -21.99 -0.02 9.17
N TRP A 265 -21.08 0.85 8.70
CA TRP A 265 -21.42 1.94 7.81
C TRP A 265 -20.81 1.73 6.44
N ASN A 266 -21.48 2.23 5.41
CA ASN A 266 -20.86 2.40 4.10
C ASN A 266 -19.82 3.51 4.23
N LEU A 267 -18.56 3.19 3.93
CA LEU A 267 -17.48 4.14 4.12
C LEU A 267 -17.69 5.45 3.34
N GLN A 268 -18.13 5.34 2.09
CA GLN A 268 -18.33 6.52 1.25
C GLN A 268 -19.60 7.31 1.53
N THR A 269 -20.74 6.63 1.58
CA THR A 269 -22.03 7.29 1.75
C THR A 269 -22.32 7.65 3.20
N LYS A 270 -21.62 7.00 4.13
CA LYS A 270 -21.77 7.28 5.56
C LYS A 270 -23.08 6.74 6.14
N GLU A 271 -23.85 6.04 5.32
CA GLU A 271 -25.10 5.43 5.81
C GLU A 271 -24.82 4.14 6.57
N ILE A 272 -25.64 3.86 7.57
CA ILE A 272 -25.60 2.58 8.28
C ILE A 272 -26.18 1.49 7.39
N VAL A 273 -25.42 0.42 7.18
CA VAL A 273 -25.89 -0.66 6.30
C VAL A 273 -26.23 -1.92 7.08
N GLN A 274 -25.81 -1.99 8.34
CA GLN A 274 -26.13 -3.15 9.16
C GLN A 274 -25.80 -2.93 10.64
N LYS A 275 -26.63 -3.51 11.50
CA LYS A 275 -26.41 -3.49 12.93
C LYS A 275 -26.53 -4.90 13.48
N LEU A 276 -25.46 -5.39 14.10
CA LEU A 276 -25.38 -6.78 14.53
C LEU A 276 -25.87 -6.95 15.97
N GLN A 277 -26.90 -7.76 16.14
CA GLN A 277 -27.56 -7.91 17.42
C GLN A 277 -27.20 -9.24 18.07
N GLY A 278 -27.00 -9.24 19.39
CA GLY A 278 -26.64 -10.46 20.08
C GLY A 278 -25.97 -10.25 21.42
N HIS A 279 -24.99 -9.36 21.49
CA HIS A 279 -24.32 -9.06 22.75
C HIS A 279 -25.28 -8.52 23.80
N THR A 280 -24.94 -8.72 25.07
CA THR A 280 -25.77 -8.27 26.18
C THR A 280 -25.10 -7.18 27.02
N ASP A 281 -23.99 -6.65 26.52
CA ASP A 281 -23.33 -5.52 27.15
C ASP A 281 -22.62 -4.68 26.09
N VAL A 282 -22.09 -3.54 26.50
CA VAL A 282 -21.35 -2.66 25.59
C VAL A 282 -20.38 -3.46 24.71
N VAL A 283 -20.44 -3.24 23.40
CA VAL A 283 -19.46 -3.87 22.53
C VAL A 283 -18.21 -3.00 22.49
N ILE A 284 -17.21 -3.39 23.30
CA ILE A 284 -16.03 -2.58 23.51
C ILE A 284 -15.01 -2.71 22.38
N SER A 285 -15.04 -3.83 21.69
CA SER A 285 -14.03 -4.10 20.68
C SER A 285 -14.61 -4.85 19.49
N THR A 286 -14.12 -4.50 18.30
CA THR A 286 -14.43 -5.23 17.08
C THR A 286 -13.16 -5.37 16.26
N ALA A 287 -13.12 -6.37 15.39
CA ALA A 287 -11.96 -6.62 14.54
C ALA A 287 -12.38 -7.28 13.23
N CYS A 288 -11.71 -6.92 12.15
CA CYS A 288 -12.00 -7.47 10.82
C CYS A 288 -10.88 -8.41 10.35
N HIS A 289 -11.25 -9.59 9.89
CA HIS A 289 -10.29 -10.57 9.37
C HIS A 289 -9.51 -9.97 8.20
N PRO A 290 -8.20 -10.30 8.10
CA PRO A 290 -7.35 -9.71 7.07
C PRO A 290 -7.71 -10.15 5.64
N THR A 291 -8.24 -11.34 5.46
CA THR A 291 -8.54 -11.81 4.10
C THR A 291 -10.00 -12.22 3.88
N GLU A 292 -10.68 -12.67 4.93
CA GLU A 292 -12.06 -13.13 4.82
C GLU A 292 -13.06 -12.12 5.40
N ASN A 293 -14.30 -12.18 4.91
CA ASN A 293 -15.38 -11.34 5.44
C ASN A 293 -15.86 -11.86 6.78
N ILE A 294 -15.07 -11.64 7.81
CA ILE A 294 -15.37 -12.12 9.15
C ILE A 294 -15.10 -10.99 10.14
N ILE A 295 -16.07 -10.79 11.04
CA ILE A 295 -15.92 -9.80 12.10
C ILE A 295 -15.94 -10.48 13.46
N ALA A 296 -15.02 -10.07 14.32
CA ALA A 296 -15.03 -10.50 15.71
C ALA A 296 -15.46 -9.32 16.58
N SER A 297 -16.31 -9.59 17.56
CA SER A 297 -16.73 -8.57 18.52
C SER A 297 -16.63 -9.10 19.95
N ALA A 298 -16.47 -8.19 20.91
CA ALA A 298 -16.36 -8.58 22.32
C ALA A 298 -17.05 -7.57 23.22
N ALA A 299 -17.54 -8.04 24.36
CA ALA A 299 -18.40 -7.22 25.22
C ALA A 299 -17.96 -7.19 26.69
N LEU A 300 -18.51 -6.24 27.44
CA LEU A 300 -18.11 -6.02 28.82
C LEU A 300 -18.78 -6.99 29.80
N GLU A 301 -18.85 -6.58 31.07
CA GLU A 301 -19.06 -7.49 32.19
C GLU A 301 -20.34 -8.32 32.19
N ASN A 302 -21.42 -7.76 31.65
CA ASN A 302 -22.68 -8.48 31.62
C ASN A 302 -22.74 -9.49 30.47
N ASP A 303 -21.63 -9.65 29.77
CA ASP A 303 -21.60 -10.50 28.59
C ASP A 303 -20.36 -11.40 28.62
N LYS A 304 -19.19 -10.80 28.46
CA LYS A 304 -17.92 -11.51 28.63
C LYS A 304 -17.61 -12.50 27.52
N THR A 305 -18.36 -12.45 26.43
CA THR A 305 -18.12 -13.36 25.31
C THR A 305 -17.58 -12.63 24.08
N ILE A 306 -17.01 -13.40 23.17
CA ILE A 306 -16.58 -12.91 21.87
C ILE A 306 -17.47 -13.56 20.82
N LYS A 307 -17.89 -12.80 19.81
CA LYS A 307 -18.76 -13.34 18.77
C LYS A 307 -18.12 -13.24 17.39
N LEU A 308 -18.25 -14.31 16.60
CA LEU A 308 -17.76 -14.32 15.23
C LEU A 308 -18.92 -14.28 14.24
N TRP A 309 -18.88 -13.30 13.36
CA TRP A 309 -19.91 -13.04 12.39
C TRP A 309 -19.31 -13.16 10.99
N LYS A 310 -20.03 -13.81 10.07
CA LYS A 310 -19.54 -13.94 8.70
C LYS A 310 -20.53 -13.40 7.67
N SER A 311 -19.99 -12.82 6.60
CA SER A 311 -20.82 -12.22 5.53
C SER A 311 -20.42 -12.78 4.17
N ASP A 312 -21.27 -12.56 3.17
CA ASP A 312 -20.98 -12.99 1.80
C ASP A 312 -20.21 -11.93 1.01
N CYS A 313 -20.42 -10.67 1.37
CA CYS A 313 -19.73 -9.58 0.70
C CYS A 313 -18.84 -8.81 1.67
N GLN B 4 18.00 10.92 17.09
CA GLN B 4 17.62 10.74 15.69
C GLN B 4 18.74 10.05 14.91
N SER B 5 18.40 9.02 14.15
CA SER B 5 19.40 8.28 13.40
C SER B 5 18.82 7.68 12.12
N LYS B 6 19.69 7.30 11.20
CA LYS B 6 19.28 6.59 10.00
C LYS B 6 18.94 5.16 10.41
N PRO B 7 17.83 4.62 9.88
CA PRO B 7 17.45 3.25 10.21
C PRO B 7 18.51 2.24 9.78
N THR B 8 18.71 1.20 10.57
CA THR B 8 19.57 0.10 10.15
C THR B 8 19.00 -0.47 8.85
N PRO B 9 19.78 -0.37 7.76
CA PRO B 9 19.33 -0.85 6.43
C PRO B 9 19.04 -2.34 6.43
N VAL B 10 17.85 -2.72 5.93
CA VAL B 10 17.44 -4.13 5.90
C VAL B 10 16.78 -4.45 4.57
N LYS B 11 16.90 -5.69 4.14
CA LYS B 11 16.27 -6.15 2.91
C LYS B 11 14.76 -5.92 2.91
N PRO B 12 14.18 -5.73 1.71
CA PRO B 12 12.72 -5.60 1.63
C PRO B 12 12.10 -6.98 1.80
N ASN B 13 10.79 -7.03 2.06
CA ASN B 13 10.10 -8.31 2.23
C ASN B 13 8.79 -8.36 1.45
N TYR B 14 8.85 -7.96 0.18
CA TYR B 14 7.66 -7.98 -0.67
C TYR B 14 7.01 -9.36 -0.69
N ALA B 15 5.69 -9.38 -0.48
CA ALA B 15 4.91 -10.60 -0.46
C ALA B 15 3.64 -10.41 -1.28
N LEU B 16 3.23 -11.44 -1.98
CA LEU B 16 2.06 -11.37 -2.83
C LEU B 16 0.79 -11.10 -2.03
N LYS B 17 0.06 -10.06 -2.39
CA LYS B 17 -1.20 -9.74 -1.74
C LYS B 17 -2.41 -10.01 -2.63
N PHE B 18 -2.30 -9.68 -3.91
CA PHE B 18 -3.43 -9.84 -4.81
C PHE B 18 -3.01 -10.28 -6.21
N THR B 19 -3.89 -11.01 -6.88
CA THR B 19 -3.69 -11.32 -8.29
C THR B 19 -4.90 -10.79 -9.06
N LEU B 20 -4.60 -10.01 -10.12
CA LEU B 20 -5.62 -9.32 -10.87
C LEU B 20 -5.80 -9.93 -12.26
N ALA B 21 -6.81 -10.77 -12.41
CA ALA B 21 -7.07 -11.45 -13.68
C ALA B 21 -8.24 -10.77 -14.39
N GLY B 22 -8.21 -10.82 -15.72
CA GLY B 22 -9.26 -10.19 -16.52
C GLY B 22 -8.86 -10.03 -17.98
N HIS B 23 -7.59 -9.75 -18.23
CA HIS B 23 -7.12 -9.64 -19.61
C HIS B 23 -7.20 -11.01 -20.29
N THR B 24 -7.50 -11.01 -21.58
CA THR B 24 -7.67 -12.26 -22.33
C THR B 24 -6.46 -12.61 -23.18
N LYS B 25 -5.47 -11.73 -23.18
CA LYS B 25 -4.20 -11.98 -23.84
C LYS B 25 -3.10 -11.42 -22.95
N ALA B 26 -1.85 -11.58 -23.38
CA ALA B 26 -0.70 -11.04 -22.67
C ALA B 26 -0.90 -9.60 -22.18
N VAL B 27 -0.49 -9.35 -20.93
CA VAL B 27 -0.41 -7.98 -20.42
C VAL B 27 0.89 -7.38 -20.91
N SER B 28 0.88 -6.09 -21.25
CA SER B 28 2.09 -5.47 -21.79
C SER B 28 2.74 -4.46 -20.83
N SER B 29 1.93 -3.82 -19.98
CA SER B 29 2.42 -2.70 -19.17
C SER B 29 1.47 -2.33 -18.04
N VAL B 30 2.01 -2.07 -16.86
CA VAL B 30 1.23 -1.56 -15.73
C VAL B 30 1.88 -0.29 -15.16
N LYS B 31 1.04 0.68 -14.81
CA LYS B 31 1.51 1.94 -14.22
C LYS B 31 0.58 2.42 -13.10
N PHE B 32 1.16 2.83 -11.97
CA PHE B 32 0.39 3.45 -10.89
C PHE B 32 0.06 4.91 -11.22
N SER B 33 -1.12 5.35 -10.82
CA SER B 33 -1.47 6.76 -10.97
C SER B 33 -0.61 7.56 -10.00
N PRO B 34 -0.27 8.80 -10.38
CA PRO B 34 0.55 9.69 -9.53
C PRO B 34 -0.09 9.97 -8.18
N ASN B 35 -1.41 9.94 -8.09
CA ASN B 35 -2.08 10.18 -6.82
C ASN B 35 -2.15 8.93 -5.95
N GLY B 36 -1.60 7.83 -6.45
CA GLY B 36 -1.49 6.61 -5.68
C GLY B 36 -2.76 5.77 -5.60
N GLU B 37 -3.84 6.25 -6.21
CA GLU B 37 -5.15 5.62 -6.04
C GLU B 37 -5.38 4.42 -6.95
N TRP B 38 -4.80 4.45 -8.14
CA TRP B 38 -5.15 3.49 -9.18
C TRP B 38 -3.96 2.82 -9.83
N LEU B 39 -4.20 1.65 -10.42
CA LEU B 39 -3.25 0.99 -11.29
C LEU B 39 -3.89 0.82 -12.67
N ALA B 40 -3.20 1.24 -13.72
CA ALA B 40 -3.69 1.00 -15.07
C ALA B 40 -2.88 -0.11 -15.71
N SER B 41 -3.52 -0.91 -16.55
CA SER B 41 -2.83 -1.96 -17.29
C SER B 41 -3.22 -1.93 -18.76
N SER B 42 -2.26 -2.23 -19.63
CA SER B 42 -2.55 -2.36 -21.06
C SER B 42 -2.28 -3.80 -21.51
N SER B 43 -2.88 -4.21 -22.63
CA SER B 43 -2.79 -5.61 -23.04
C SER B 43 -2.88 -5.82 -24.56
N ALA B 44 -2.38 -6.95 -25.02
CA ALA B 44 -2.51 -7.34 -26.42
C ALA B 44 -3.98 -7.55 -26.78
N ASP B 45 -4.85 -7.59 -25.77
CA ASP B 45 -6.28 -7.77 -26.03
C ASP B 45 -6.98 -6.48 -26.41
N LYS B 46 -6.20 -5.42 -26.63
CA LYS B 46 -6.70 -4.13 -27.10
C LYS B 46 -7.34 -3.31 -26.00
N LEU B 47 -7.28 -3.80 -24.78
CA LEU B 47 -7.96 -3.14 -23.67
C LEU B 47 -7.02 -2.49 -22.68
N ILE B 48 -7.51 -1.43 -22.05
CA ILE B 48 -6.91 -0.87 -20.85
C ILE B 48 -7.85 -1.18 -19.70
N LYS B 49 -7.30 -1.67 -18.59
CA LYS B 49 -8.09 -1.90 -17.40
C LYS B 49 -7.55 -1.08 -16.23
N ILE B 50 -8.46 -0.63 -15.37
CA ILE B 50 -8.10 0.16 -14.20
C ILE B 50 -8.43 -0.68 -12.97
N TRP B 51 -7.51 -0.66 -12.00
CA TRP B 51 -7.64 -1.47 -10.79
C TRP B 51 -7.33 -0.59 -9.58
N GLY B 52 -7.90 -0.95 -8.42
CA GLY B 52 -7.58 -0.26 -7.19
C GLY B 52 -6.14 -0.55 -6.78
N ALA B 53 -5.36 0.51 -6.56
CA ALA B 53 -3.94 0.37 -6.30
C ALA B 53 -3.60 -0.39 -5.02
N TYR B 54 -4.47 -0.34 -4.02
CA TYR B 54 -4.18 -0.96 -2.73
C TYR B 54 -4.81 -2.34 -2.53
N ASP B 55 -5.94 -2.58 -3.19
CA ASP B 55 -6.69 -3.82 -2.99
C ASP B 55 -6.88 -4.63 -4.29
N GLY B 56 -6.37 -4.11 -5.40
CA GLY B 56 -6.42 -4.81 -6.67
C GLY B 56 -7.82 -4.98 -7.26
N LYS B 57 -8.81 -4.34 -6.65
CA LYS B 57 -10.19 -4.48 -7.10
C LYS B 57 -10.41 -3.87 -8.48
N PHE B 58 -11.00 -4.64 -9.38
CA PHE B 58 -11.31 -4.17 -10.73
C PHE B 58 -12.20 -2.94 -10.65
N GLU B 59 -11.90 -1.94 -11.47
CA GLU B 59 -12.66 -0.70 -11.47
C GLU B 59 -13.41 -0.51 -12.79
N LYS B 60 -12.68 -0.62 -13.90
CA LYS B 60 -13.31 -0.45 -15.21
C LYS B 60 -12.42 -0.93 -16.36
N THR B 61 -13.05 -1.18 -17.50
CA THR B 61 -12.34 -1.48 -18.73
C THR B 61 -12.50 -0.30 -19.67
N ILE B 62 -11.43 0.04 -20.38
CA ILE B 62 -11.44 1.12 -21.35
C ILE B 62 -11.05 0.58 -22.73
N SER B 63 -11.88 0.85 -23.74
CA SER B 63 -11.68 0.22 -25.04
C SER B 63 -11.85 1.21 -26.19
N GLY B 64 -11.36 0.82 -27.36
CA GLY B 64 -11.44 1.66 -28.55
C GLY B 64 -10.35 1.38 -29.57
N HIS B 65 -9.14 1.08 -29.10
CA HIS B 65 -8.05 0.73 -30.01
C HIS B 65 -8.44 -0.44 -30.89
N LYS B 66 -7.94 -0.45 -32.13
CA LYS B 66 -8.26 -1.50 -33.10
C LYS B 66 -7.31 -2.69 -32.97
N LEU B 67 -6.15 -2.48 -32.38
CA LEU B 67 -5.20 -3.55 -32.16
C LEU B 67 -4.59 -3.46 -30.76
N GLY B 68 -3.74 -4.44 -30.43
CA GLY B 68 -3.15 -4.54 -29.10
C GLY B 68 -2.39 -3.29 -28.67
N ILE B 69 -2.21 -3.17 -27.35
CA ILE B 69 -1.59 -2.00 -26.75
C ILE B 69 -0.29 -2.39 -26.06
N SER B 70 0.79 -1.69 -26.37
CA SER B 70 2.10 -2.02 -25.80
C SER B 70 2.48 -1.22 -24.55
N ASP B 71 1.79 -0.10 -24.30
CA ASP B 71 2.17 0.76 -23.19
C ASP B 71 1.06 1.74 -22.84
N VAL B 72 1.10 2.24 -21.61
CA VAL B 72 0.13 3.21 -21.13
C VAL B 72 0.80 4.12 -20.09
N ALA B 73 0.29 5.33 -19.93
CA ALA B 73 0.91 6.29 -19.01
C ALA B 73 -0.08 7.35 -18.51
N TRP B 74 0.10 7.78 -17.26
CA TRP B 74 -0.79 8.75 -16.61
C TRP B 74 -0.34 10.21 -16.73
N SER B 75 -1.30 11.13 -16.85
CA SER B 75 -1.00 12.54 -16.71
C SER B 75 -0.73 12.85 -15.25
N SER B 76 -0.20 14.03 -14.97
CA SER B 76 0.20 14.41 -13.63
C SER B 76 -0.95 14.48 -12.63
N ASP B 77 -2.13 14.92 -13.08
CA ASP B 77 -3.28 15.05 -12.18
C ASP B 77 -4.08 13.76 -12.06
N SER B 78 -3.57 12.69 -12.68
CA SER B 78 -4.20 11.38 -12.59
C SER B 78 -5.56 11.32 -13.28
N ASN B 79 -5.87 12.32 -14.11
CA ASN B 79 -7.14 12.37 -14.80
C ASN B 79 -7.11 11.79 -16.21
N LEU B 80 -5.93 11.81 -16.83
CA LEU B 80 -5.79 11.31 -18.20
C LEU B 80 -4.86 10.10 -18.27
N LEU B 81 -5.12 9.23 -19.26
CA LEU B 81 -4.20 8.16 -19.65
C LEU B 81 -3.85 8.34 -21.12
N VAL B 82 -2.64 7.94 -21.49
CA VAL B 82 -2.31 7.84 -22.90
C VAL B 82 -1.86 6.41 -23.19
N SER B 83 -2.22 5.91 -24.37
CA SER B 83 -1.93 4.53 -24.73
C SER B 83 -1.28 4.43 -26.11
N ALA B 84 -0.35 3.49 -26.26
CA ALA B 84 0.36 3.28 -27.52
C ALA B 84 -0.03 1.94 -28.12
N SER B 85 -0.44 1.95 -29.38
CA SER B 85 -1.06 0.77 -29.97
C SER B 85 -0.45 0.33 -31.29
N ASP B 86 -0.58 -0.97 -31.57
CA ASP B 86 -0.18 -1.54 -32.85
C ASP B 86 -1.01 -0.94 -33.99
N ASP B 87 -2.13 -0.29 -33.65
CA ASP B 87 -2.93 0.37 -34.69
C ASP B 87 -2.29 1.68 -35.18
N LYS B 88 -1.05 1.93 -34.74
CA LYS B 88 -0.26 3.07 -35.19
C LYS B 88 -0.68 4.42 -34.57
N THR B 89 -1.63 4.38 -33.66
CA THR B 89 -2.08 5.60 -32.99
C THR B 89 -1.82 5.53 -31.48
N LEU B 90 -1.81 6.71 -30.86
CA LEU B 90 -1.96 6.83 -29.42
C LEU B 90 -3.35 7.41 -29.17
N LYS B 91 -3.93 7.07 -28.03
CA LYS B 91 -5.20 7.68 -27.64
C LYS B 91 -5.08 8.30 -26.26
N ILE B 92 -5.72 9.44 -26.08
CA ILE B 92 -5.78 10.09 -24.78
C ILE B 92 -7.15 9.82 -24.18
N TRP B 93 -7.18 9.28 -22.97
CA TRP B 93 -8.45 8.88 -22.36
C TRP B 93 -8.79 9.71 -21.14
N ASP B 94 -10.06 10.04 -21.00
CA ASP B 94 -10.56 10.60 -19.75
C ASP B 94 -10.87 9.43 -18.84
N VAL B 95 -10.11 9.31 -17.76
CA VAL B 95 -10.18 8.11 -16.92
C VAL B 95 -11.54 7.94 -16.24
N SER B 96 -12.19 9.06 -15.92
CA SER B 96 -13.46 9.04 -15.21
C SER B 96 -14.59 8.50 -16.06
N SER B 97 -14.73 9.02 -17.28
CA SER B 97 -15.79 8.60 -18.17
C SER B 97 -15.35 7.40 -19.03
N GLY B 98 -14.05 7.16 -19.07
CA GLY B 98 -13.49 6.11 -19.90
C GLY B 98 -13.56 6.43 -21.38
N LYS B 99 -13.88 7.67 -21.72
CA LYS B 99 -13.99 8.08 -23.12
C LYS B 99 -12.65 8.44 -23.75
N CYS B 100 -12.53 8.18 -25.05
CA CYS B 100 -11.39 8.64 -25.82
C CYS B 100 -11.55 10.11 -26.16
N LEU B 101 -10.63 10.95 -25.69
CA LEU B 101 -10.70 12.39 -25.95
C LEU B 101 -10.08 12.77 -27.30
N LYS B 102 -8.93 12.18 -27.58
CA LYS B 102 -8.19 12.48 -28.81
C LYS B 102 -7.50 11.23 -29.32
N THR B 103 -7.32 11.15 -30.64
CA THR B 103 -6.49 10.11 -31.23
C THR B 103 -5.31 10.75 -31.94
N LEU B 104 -4.10 10.37 -31.53
CA LEU B 104 -2.89 10.96 -32.09
C LEU B 104 -2.38 10.16 -33.30
N LYS B 105 -2.57 10.71 -34.49
CA LYS B 105 -2.16 10.06 -35.74
C LYS B 105 -0.91 10.70 -36.34
N GLY B 106 0.00 9.86 -36.82
CA GLY B 106 1.26 10.33 -37.38
C GLY B 106 2.26 9.21 -37.58
N HIS B 107 2.40 8.35 -36.58
CA HIS B 107 3.30 7.20 -36.70
C HIS B 107 2.86 6.30 -37.85
N SER B 108 3.83 5.69 -38.53
CA SER B 108 3.54 4.84 -39.68
C SER B 108 3.72 3.35 -39.35
N ASN B 109 3.84 3.03 -38.07
CA ASN B 109 4.02 1.65 -37.63
C ASN B 109 3.66 1.54 -36.15
N TYR B 110 3.74 0.34 -35.58
CA TYR B 110 3.35 0.12 -34.18
C TYR B 110 3.89 1.22 -33.27
N VAL B 111 3.03 1.76 -32.40
CA VAL B 111 3.50 2.65 -31.34
C VAL B 111 3.85 1.79 -30.12
N PHE B 112 5.08 1.93 -29.65
CA PHE B 112 5.66 1.00 -28.68
C PHE B 112 5.67 1.53 -27.24
N CYS B 113 5.82 2.83 -27.08
CA CYS B 113 6.02 3.41 -25.76
C CYS B 113 5.54 4.86 -25.70
N CYS B 114 5.18 5.31 -24.51
CA CYS B 114 4.59 6.64 -24.36
C CYS B 114 4.72 7.21 -22.94
N ASN B 115 4.70 8.54 -22.83
CA ASN B 115 4.83 9.21 -21.54
C ASN B 115 4.39 10.67 -21.64
N PHE B 116 3.71 11.14 -20.60
CA PHE B 116 3.45 12.56 -20.43
C PHE B 116 4.71 13.21 -19.88
N ASN B 117 4.91 14.49 -20.19
CA ASN B 117 5.90 15.25 -19.43
C ASN B 117 5.27 15.63 -18.09
N PRO B 118 6.09 16.00 -17.09
CA PRO B 118 5.60 16.35 -15.75
C PRO B 118 4.50 17.41 -15.75
N GLN B 119 4.63 18.43 -16.58
CA GLN B 119 3.58 19.45 -16.67
C GLN B 119 2.33 18.89 -17.38
N SER B 120 2.53 17.83 -18.17
CA SER B 120 1.45 17.11 -18.82
C SER B 120 0.72 17.92 -19.91
N ASN B 121 1.42 18.88 -20.50
CA ASN B 121 0.93 19.54 -21.71
C ASN B 121 1.51 18.85 -22.95
N LEU B 122 2.46 17.96 -22.73
CA LEU B 122 3.10 17.24 -23.83
C LEU B 122 3.06 15.73 -23.65
N ILE B 123 3.05 15.01 -24.76
CA ILE B 123 3.25 13.57 -24.75
C ILE B 123 4.38 13.18 -25.68
N VAL B 124 5.23 12.26 -25.23
CA VAL B 124 6.28 11.73 -26.09
C VAL B 124 5.97 10.29 -26.42
N SER B 125 6.35 9.85 -27.61
CA SER B 125 6.09 8.48 -28.04
C SER B 125 7.23 7.91 -28.87
N GLY B 126 7.36 6.60 -28.84
CA GLY B 126 8.38 5.90 -29.61
C GLY B 126 7.71 4.80 -30.39
N SER B 127 8.19 4.55 -31.61
CA SER B 127 7.49 3.66 -32.51
C SER B 127 8.43 2.73 -33.26
N PHE B 128 7.84 1.67 -33.84
CA PHE B 128 8.58 0.76 -34.71
C PHE B 128 9.04 1.52 -35.96
N ASP B 129 8.47 2.70 -36.20
CA ASP B 129 8.87 3.50 -37.35
C ASP B 129 10.20 4.24 -37.10
N GLU B 130 10.78 4.03 -35.92
CA GLU B 130 12.13 4.51 -35.61
C GLU B 130 12.16 5.97 -35.21
N SER B 131 10.98 6.58 -35.13
CA SER B 131 10.89 7.98 -34.75
C SER B 131 10.44 8.15 -33.29
N VAL B 132 10.73 9.32 -32.75
CA VAL B 132 10.18 9.78 -31.49
C VAL B 132 9.33 11.01 -31.81
N ARG B 133 8.07 10.99 -31.39
CA ARG B 133 7.20 12.14 -31.66
C ARG B 133 6.79 12.85 -30.38
N ILE B 134 6.65 14.17 -30.47
CA ILE B 134 6.21 14.99 -29.35
C ILE B 134 4.88 15.61 -29.71
N TRP B 135 3.87 15.35 -28.88
CA TRP B 135 2.49 15.74 -29.19
C TRP B 135 1.98 16.83 -28.25
N ASP B 136 1.14 17.72 -28.77
CA ASP B 136 0.43 18.67 -27.92
C ASP B 136 -0.84 18.03 -27.37
N VAL B 137 -0.87 17.82 -26.05
CA VAL B 137 -2.02 17.20 -25.41
C VAL B 137 -3.35 17.90 -25.71
N LYS B 138 -3.36 19.23 -25.67
CA LYS B 138 -4.61 19.99 -25.80
C LYS B 138 -5.20 19.97 -27.20
N THR B 139 -4.35 20.02 -28.23
CA THR B 139 -4.82 20.00 -29.61
C THR B 139 -4.66 18.63 -30.26
N GLY B 140 -3.93 17.74 -29.60
CA GLY B 140 -3.67 16.43 -30.14
C GLY B 140 -2.88 16.42 -31.44
N LYS B 141 -2.23 17.54 -31.74
CA LYS B 141 -1.42 17.65 -32.94
C LYS B 141 0.02 17.24 -32.66
N CYS B 142 0.68 16.64 -33.64
CA CYS B 142 2.09 16.33 -33.50
C CYS B 142 2.90 17.62 -33.65
N LEU B 143 3.70 17.94 -32.64
CA LEU B 143 4.54 19.14 -32.69
C LEU B 143 5.89 18.88 -33.36
N LYS B 144 6.56 17.80 -32.97
CA LYS B 144 7.87 17.47 -33.55
C LYS B 144 8.00 15.97 -33.83
N THR B 145 8.66 15.65 -34.94
CA THR B 145 9.01 14.29 -35.25
C THR B 145 10.53 14.18 -35.28
N LEU B 146 11.08 13.39 -34.38
CA LEU B 146 12.52 13.21 -34.29
C LEU B 146 12.94 11.93 -35.00
N PRO B 147 13.87 12.05 -35.97
CA PRO B 147 14.48 10.88 -36.59
C PRO B 147 15.49 10.31 -35.60
N ALA B 148 14.97 9.68 -34.55
CA ALA B 148 15.74 9.41 -33.35
C ALA B 148 16.72 8.24 -33.47
N HIS B 149 16.33 7.23 -34.23
CA HIS B 149 17.04 5.95 -34.22
C HIS B 149 16.95 5.27 -35.57
N SER B 150 17.64 4.15 -35.70
CA SER B 150 17.65 3.39 -36.95
C SER B 150 17.04 2.00 -36.79
N ASP B 151 16.23 1.85 -35.75
CA ASP B 151 15.45 0.64 -35.49
C ASP B 151 14.34 1.02 -34.53
N PRO B 152 13.40 0.09 -34.26
CA PRO B 152 12.29 0.41 -33.34
C PRO B 152 12.72 1.03 -32.01
N VAL B 153 11.97 2.03 -31.57
CA VAL B 153 12.23 2.74 -30.32
C VAL B 153 11.56 2.01 -29.17
N SER B 154 12.36 1.53 -28.22
CA SER B 154 11.87 0.67 -27.14
C SER B 154 11.35 1.42 -25.91
N ALA B 155 11.80 2.66 -25.73
CA ALA B 155 11.42 3.46 -24.56
C ALA B 155 11.61 4.95 -24.78
N VAL B 156 10.80 5.75 -24.08
CA VAL B 156 10.91 7.21 -24.10
C VAL B 156 10.47 7.73 -22.73
N HIS B 157 11.15 8.76 -22.22
CA HIS B 157 10.88 9.25 -20.86
C HIS B 157 11.38 10.69 -20.67
N PHE B 158 10.53 11.55 -20.09
CA PHE B 158 10.88 12.94 -19.80
C PHE B 158 11.62 13.04 -18.47
N ASN B 159 12.47 14.05 -18.32
CA ASN B 159 13.11 14.32 -17.04
C ASN B 159 12.20 15.18 -16.16
N ARG B 160 12.67 15.57 -14.98
CA ARG B 160 11.78 16.17 -13.98
C ARG B 160 11.15 17.51 -14.37
N ASP B 161 11.85 18.33 -15.13
CA ASP B 161 11.28 19.60 -15.59
C ASP B 161 10.79 19.51 -17.04
N GLY B 162 10.89 18.33 -17.62
CA GLY B 162 10.40 18.10 -18.97
C GLY B 162 11.28 18.72 -20.04
N SER B 163 12.45 19.20 -19.66
CA SER B 163 13.35 19.84 -20.62
C SER B 163 14.10 18.80 -21.45
N LEU B 164 14.23 17.58 -20.92
CA LEU B 164 14.95 16.51 -21.62
C LEU B 164 14.06 15.31 -21.93
N ILE B 165 14.44 14.56 -22.95
CA ILE B 165 13.82 13.27 -23.27
C ILE B 165 14.92 12.25 -23.48
N VAL B 166 14.77 11.09 -22.84
CA VAL B 166 15.69 9.99 -23.10
C VAL B 166 14.99 8.90 -23.92
N SER B 167 15.68 8.38 -24.93
CA SER B 167 15.15 7.31 -25.76
C SER B 167 16.14 6.15 -25.86
N SER B 168 15.61 4.96 -26.12
CA SER B 168 16.45 3.77 -26.32
C SER B 168 15.93 3.04 -27.53
N SER B 169 16.77 2.19 -28.13
CA SER B 169 16.39 1.53 -29.37
C SER B 169 17.09 0.20 -29.61
N TYR B 170 16.48 -0.60 -30.47
CA TYR B 170 17.09 -1.84 -30.93
C TYR B 170 18.37 -1.59 -31.70
N ASP B 171 18.63 -0.34 -32.07
CA ASP B 171 19.87 0.00 -32.79
C ASP B 171 21.09 0.02 -31.88
N GLY B 172 20.87 -0.16 -30.58
CA GLY B 172 21.96 -0.27 -29.62
C GLY B 172 22.29 1.05 -28.94
N LEU B 173 21.55 2.09 -29.27
CA LEU B 173 21.84 3.41 -28.74
C LEU B 173 20.86 3.89 -27.66
N CYS B 174 21.38 4.78 -26.82
CA CYS B 174 20.55 5.57 -25.93
CA CYS B 174 20.53 5.56 -25.93
C CYS B 174 20.80 7.02 -26.25
N ARG B 175 19.76 7.79 -26.49
CA ARG B 175 19.93 9.20 -26.81
C ARG B 175 19.16 10.12 -25.86
N ILE B 176 19.71 11.32 -25.65
CA ILE B 176 19.07 12.33 -24.82
C ILE B 176 18.78 13.56 -25.66
N TRP B 177 17.53 14.01 -25.62
CA TRP B 177 17.09 15.07 -26.52
C TRP B 177 16.66 16.31 -25.76
N ASP B 178 16.91 17.48 -26.36
CA ASP B 178 16.39 18.72 -25.84
C ASP B 178 14.95 18.88 -26.30
N THR B 179 14.02 18.89 -25.35
CA THR B 179 12.59 18.93 -25.66
C THR B 179 12.19 20.09 -26.55
N ALA B 180 12.65 21.29 -26.19
CA ALA B 180 12.21 22.51 -26.87
C ALA B 180 12.62 22.58 -28.35
N SER B 181 13.81 22.06 -28.66
CA SER B 181 14.33 22.16 -30.03
C SER B 181 14.26 20.85 -30.80
N GLY B 182 14.17 19.74 -30.07
CA GLY B 182 14.21 18.43 -30.68
C GLY B 182 15.60 17.99 -31.12
N GLN B 183 16.62 18.76 -30.76
CA GLN B 183 17.98 18.42 -31.14
C GLN B 183 18.63 17.48 -30.12
N CYS B 184 19.44 16.54 -30.61
CA CYS B 184 20.11 15.57 -29.76
C CYS B 184 21.22 16.24 -28.95
N LEU B 185 21.19 16.00 -27.64
CA LEU B 185 22.17 16.59 -26.74
C LEU B 185 23.30 15.61 -26.46
N LYS B 186 23.01 14.32 -26.55
CA LYS B 186 23.97 13.32 -26.14
C LYS B 186 23.60 11.92 -26.65
N THR B 187 24.63 11.17 -27.06
CA THR B 187 24.45 9.77 -27.41
C THR B 187 25.31 8.90 -26.50
N LEU B 188 24.66 8.04 -25.72
CA LEU B 188 25.38 7.10 -24.87
C LEU B 188 25.62 5.78 -25.59
N ILE B 189 26.87 5.54 -25.97
CA ILE B 189 27.26 4.27 -26.59
C ILE B 189 28.36 3.61 -25.78
N ASP B 190 28.50 2.30 -25.96
CA ASP B 190 29.50 1.53 -25.24
C ASP B 190 30.52 0.97 -26.23
N ASP B 191 31.39 0.08 -25.74
CA ASP B 191 32.36 -0.60 -26.59
C ASP B 191 31.67 -1.65 -27.45
N ASP B 192 30.35 -1.71 -27.32
CA ASP B 192 29.54 -2.68 -28.04
C ASP B 192 28.15 -2.09 -28.21
N ASN B 193 27.24 -2.83 -28.85
CA ASN B 193 25.87 -2.35 -29.00
C ASN B 193 24.81 -3.45 -29.11
N PRO B 194 24.51 -4.11 -27.97
CA PRO B 194 23.32 -4.96 -27.93
C PRO B 194 22.09 -4.06 -27.95
N PRO B 195 20.95 -4.57 -28.41
CA PRO B 195 19.74 -3.74 -28.37
C PRO B 195 19.47 -3.17 -26.97
N VAL B 196 19.17 -1.87 -26.91
CA VAL B 196 18.79 -1.24 -25.65
C VAL B 196 17.26 -1.27 -25.53
N SER B 197 16.78 -2.07 -24.59
CA SER B 197 15.37 -2.44 -24.54
C SER B 197 14.54 -1.61 -23.57
N PHE B 198 15.21 -0.80 -22.76
CA PHE B 198 14.51 0.09 -21.84
C PHE B 198 15.41 1.18 -21.26
N VAL B 199 14.83 2.36 -21.04
CA VAL B 199 15.54 3.47 -20.39
C VAL B 199 14.56 4.37 -19.65
N LYS B 200 15.01 4.94 -18.54
CA LYS B 200 14.27 5.99 -17.85
C LYS B 200 15.18 6.81 -16.95
N PHE B 201 14.78 8.06 -16.69
CA PHE B 201 15.47 8.92 -15.74
C PHE B 201 15.16 8.48 -14.31
N SER B 202 16.13 8.64 -13.41
CA SER B 202 15.92 8.36 -12.00
C SER B 202 15.06 9.44 -11.38
N PRO B 203 14.47 9.16 -10.21
CA PRO B 203 13.62 10.14 -9.53
C PRO B 203 14.30 11.49 -9.36
N ASN B 204 15.55 11.51 -8.91
CA ASN B 204 16.26 12.77 -8.69
C ASN B 204 16.86 13.35 -9.98
N GLY B 205 16.74 12.59 -11.07
CA GLY B 205 17.14 13.06 -12.39
C GLY B 205 18.63 13.04 -12.67
N LYS B 206 19.40 12.52 -11.72
CA LYS B 206 20.86 12.44 -11.88
C LYS B 206 21.26 11.36 -12.89
N TYR B 207 20.50 10.27 -12.92
CA TYR B 207 20.91 9.11 -13.69
C TYR B 207 19.84 8.65 -14.66
N ILE B 208 20.21 7.71 -15.52
CA ILE B 208 19.23 6.93 -16.27
C ILE B 208 19.57 5.46 -16.06
N LEU B 209 18.53 4.65 -15.92
CA LEU B 209 18.68 3.21 -15.84
C LEU B 209 18.45 2.65 -17.24
N ALA B 210 19.34 1.79 -17.71
CA ALA B 210 19.24 1.28 -19.07
C ALA B 210 19.35 -0.24 -19.13
N ALA B 211 18.41 -0.87 -19.83
CA ALA B 211 18.44 -2.31 -20.00
C ALA B 211 18.92 -2.66 -21.41
N THR B 212 19.72 -3.72 -21.51
CA THR B 212 20.14 -4.25 -22.79
C THR B 212 19.82 -5.74 -22.89
N LEU B 213 19.57 -6.22 -24.11
CA LEU B 213 19.18 -7.61 -24.30
C LEU B 213 20.35 -8.58 -24.17
N ASP B 214 21.23 -8.30 -23.22
CA ASP B 214 22.27 -9.25 -22.85
C ASP B 214 22.20 -9.52 -21.36
N ASN B 215 20.97 -9.55 -20.84
CA ASN B 215 20.72 -9.86 -19.43
C ASN B 215 21.37 -8.88 -18.46
N THR B 216 21.38 -7.60 -18.83
CA THR B 216 22.10 -6.60 -18.04
C THR B 216 21.33 -5.30 -17.90
N LEU B 217 21.38 -4.74 -16.69
CA LEU B 217 20.88 -3.40 -16.43
C LEU B 217 22.05 -2.53 -15.99
N LYS B 218 22.05 -1.28 -16.41
CA LYS B 218 23.12 -0.37 -16.05
C LYS B 218 22.61 0.99 -15.62
N LEU B 219 23.22 1.53 -14.56
CA LEU B 219 22.95 2.87 -14.08
C LEU B 219 24.00 3.80 -14.68
N TRP B 220 23.55 4.86 -15.34
CA TRP B 220 24.46 5.79 -15.99
C TRP B 220 24.41 7.19 -15.40
N ASP B 221 25.58 7.75 -15.13
CA ASP B 221 25.69 9.17 -14.87
C ASP B 221 25.73 9.86 -16.23
N TYR B 222 24.56 10.21 -16.76
CA TYR B 222 24.49 10.74 -18.12
C TYR B 222 25.10 12.13 -18.20
N SER B 223 25.27 12.77 -17.05
CA SER B 223 25.92 14.07 -16.99
C SER B 223 27.37 13.97 -17.44
N LYS B 224 27.96 12.80 -17.24
CA LYS B 224 29.36 12.56 -17.60
C LYS B 224 29.46 11.41 -18.58
N GLY B 225 28.32 10.81 -18.89
CA GLY B 225 28.29 9.65 -19.77
C GLY B 225 29.12 8.50 -19.25
N LYS B 226 28.94 8.15 -17.98
CA LYS B 226 29.73 7.08 -17.37
C LYS B 226 28.86 6.06 -16.63
N CYS B 227 29.17 4.79 -16.82
CA CYS B 227 28.45 3.71 -16.15
C CYS B 227 28.86 3.61 -14.68
N LEU B 228 27.89 3.75 -13.78
CA LEU B 228 28.16 3.74 -12.35
C LEU B 228 27.89 2.39 -11.70
N LYS B 229 26.89 1.66 -12.20
CA LYS B 229 26.50 0.40 -11.60
C LYS B 229 25.98 -0.58 -12.65
N THR B 230 26.21 -1.87 -12.41
CA THR B 230 25.72 -2.91 -13.30
C THR B 230 24.97 -3.97 -12.50
N TYR B 231 23.77 -4.31 -12.97
CA TYR B 231 22.90 -5.26 -12.28
C TYR B 231 22.61 -6.47 -13.15
N THR B 232 22.84 -7.66 -12.61
CA THR B 232 22.61 -8.90 -13.35
C THR B 232 22.01 -9.99 -12.46
N GLY B 233 21.69 -11.12 -13.07
CA GLY B 233 21.07 -12.23 -12.37
C GLY B 233 19.71 -12.56 -12.97
N HIS B 234 19.08 -11.58 -13.59
CA HIS B 234 17.79 -11.79 -14.25
C HIS B 234 18.02 -12.29 -15.69
N LYS B 235 16.94 -12.70 -16.35
CA LYS B 235 17.01 -13.15 -17.73
C LYS B 235 16.35 -12.10 -18.64
N ASN B 236 17.10 -11.64 -19.65
CA ASN B 236 16.59 -10.64 -20.59
C ASN B 236 17.34 -10.66 -21.92
N GLU B 237 16.89 -11.52 -22.83
CA GLU B 237 17.49 -11.58 -24.15
C GLU B 237 16.48 -11.33 -25.27
N LYS B 238 15.20 -11.28 -24.93
CA LYS B 238 14.15 -11.22 -25.95
C LYS B 238 13.21 -10.01 -25.84
N TYR B 239 12.71 -9.73 -24.63
CA TYR B 239 11.62 -8.76 -24.49
C TYR B 239 12.05 -7.39 -23.95
N CYS B 240 11.28 -6.36 -24.29
CA CYS B 240 11.52 -5.03 -23.75
C CYS B 240 10.81 -4.90 -22.41
N ILE B 241 11.54 -5.20 -21.34
CA ILE B 241 10.98 -5.26 -19.99
C ILE B 241 11.13 -3.94 -19.25
N PHE B 242 10.06 -3.52 -18.59
CA PHE B 242 10.10 -2.29 -17.80
C PHE B 242 10.93 -2.49 -16.54
N ALA B 243 11.72 -1.48 -16.19
CA ALA B 243 12.44 -1.48 -14.91
C ALA B 243 12.15 -0.18 -14.14
N ASN B 244 12.44 -0.17 -12.84
CA ASN B 244 12.07 0.98 -12.00
C ASN B 244 13.09 1.30 -10.94
N PHE B 245 13.06 2.54 -10.45
CA PHE B 245 13.70 2.89 -9.19
C PHE B 245 12.64 2.81 -8.08
N SER B 246 12.97 2.11 -7.00
CA SER B 246 12.10 2.09 -5.82
C SER B 246 12.71 3.01 -4.75
N VAL B 247 11.97 4.04 -4.35
CA VAL B 247 12.52 5.05 -3.45
C VAL B 247 11.62 5.37 -2.25
N THR B 248 10.51 4.65 -2.12
CA THR B 248 9.60 4.87 -1.01
C THR B 248 10.19 4.37 0.31
N GLY B 249 11.00 3.31 0.22
CA GLY B 249 11.68 2.77 1.38
C GLY B 249 13.18 2.73 1.12
N GLY B 250 13.77 1.54 1.14
CA GLY B 250 15.16 1.39 0.74
C GLY B 250 15.31 1.68 -0.74
N LYS B 251 16.51 2.06 -1.16
CA LYS B 251 16.78 2.35 -2.57
C LYS B 251 17.07 1.08 -3.36
N TRP B 252 16.09 0.63 -4.13
CA TRP B 252 16.21 -0.61 -4.89
C TRP B 252 16.12 -0.35 -6.39
N ILE B 253 16.57 -1.33 -7.18
CA ILE B 253 16.25 -1.39 -8.60
C ILE B 253 15.32 -2.58 -8.82
N VAL B 254 14.25 -2.36 -9.58
CA VAL B 254 13.25 -3.40 -9.78
C VAL B 254 13.04 -3.68 -11.26
N SER B 255 12.93 -4.95 -11.62
CA SER B 255 12.74 -5.34 -13.01
C SER B 255 12.05 -6.69 -13.16
N GLY B 256 11.34 -6.86 -14.25
CA GLY B 256 10.80 -8.16 -14.62
C GLY B 256 11.91 -9.03 -15.18
N SER B 257 11.54 -10.24 -15.60
CA SER B 257 12.53 -11.20 -16.06
C SER B 257 11.87 -12.29 -16.88
N GLU B 258 12.62 -12.82 -17.84
CA GLU B 258 12.14 -13.90 -18.72
C GLU B 258 12.16 -15.25 -18.03
N ASP B 259 12.62 -15.30 -16.77
CA ASP B 259 12.51 -16.51 -15.98
C ASP B 259 11.30 -16.43 -15.04
N ASN B 260 10.36 -15.56 -15.38
CA ASN B 260 9.09 -15.45 -14.65
C ASN B 260 9.20 -14.84 -13.24
N LEU B 261 10.33 -14.20 -12.94
CA LEU B 261 10.53 -13.62 -11.61
C LEU B 261 10.62 -12.10 -11.62
N VAL B 262 10.33 -11.50 -10.47
CA VAL B 262 10.59 -10.09 -10.25
C VAL B 262 11.89 -9.96 -9.48
N TYR B 263 12.82 -9.16 -10.02
CA TYR B 263 14.13 -9.01 -9.40
C TYR B 263 14.26 -7.67 -8.67
N ILE B 264 14.82 -7.71 -7.47
CA ILE B 264 15.06 -6.48 -6.71
C ILE B 264 16.53 -6.42 -6.28
N TRP B 265 17.23 -5.36 -6.71
CA TRP B 265 18.64 -5.18 -6.35
C TRP B 265 18.81 -4.03 -5.39
N ASN B 266 19.82 -4.13 -4.52
CA ASN B 266 20.30 -2.98 -3.78
C ASN B 266 21.00 -2.04 -4.74
N LEU B 267 20.48 -0.83 -4.91
CA LEU B 267 21.02 0.10 -5.89
C LEU B 267 22.53 0.30 -5.73
N GLN B 268 22.98 0.40 -4.48
CA GLN B 268 24.37 0.71 -4.17
C GLN B 268 25.32 -0.49 -4.30
N THR B 269 24.92 -1.64 -3.76
CA THR B 269 25.78 -2.81 -3.70
C THR B 269 25.60 -3.73 -4.91
N LYS B 270 24.50 -3.55 -5.63
CA LYS B 270 24.21 -4.35 -6.84
C LYS B 270 23.84 -5.79 -6.50
N GLU B 271 23.75 -6.08 -5.21
CA GLU B 271 23.35 -7.41 -4.78
C GLU B 271 21.83 -7.58 -4.87
N ILE B 272 21.40 -8.78 -5.25
CA ILE B 272 19.97 -9.08 -5.32
C ILE B 272 19.42 -9.30 -3.92
N VAL B 273 18.43 -8.51 -3.53
CA VAL B 273 17.86 -8.61 -2.18
C VAL B 273 16.58 -9.44 -2.13
N GLN B 274 15.88 -9.55 -3.25
CA GLN B 274 14.68 -10.38 -3.32
C GLN B 274 14.38 -10.84 -4.73
N LYS B 275 13.77 -12.02 -4.84
CA LYS B 275 13.22 -12.50 -6.10
C LYS B 275 11.78 -12.97 -5.87
N LEU B 276 10.84 -12.27 -6.51
CA LEU B 276 9.41 -12.52 -6.29
C LEU B 276 8.87 -13.61 -7.21
N GLN B 277 8.41 -14.71 -6.61
CA GLN B 277 7.95 -15.85 -7.39
C GLN B 277 6.42 -15.95 -7.41
N GLY B 278 5.88 -16.42 -8.53
CA GLY B 278 4.44 -16.56 -8.65
C GLY B 278 3.91 -16.54 -10.09
N HIS B 279 4.49 -15.68 -10.92
CA HIS B 279 4.05 -15.60 -12.31
C HIS B 279 4.43 -16.87 -13.06
N THR B 280 3.66 -17.18 -14.10
CA THR B 280 3.88 -18.40 -14.88
C THR B 280 4.32 -18.09 -16.31
N ASP B 281 4.70 -16.85 -16.55
CA ASP B 281 5.28 -16.46 -17.83
C ASP B 281 6.20 -15.28 -17.61
N VAL B 282 6.88 -14.87 -18.68
CA VAL B 282 7.76 -13.71 -18.64
C VAL B 282 7.09 -12.53 -17.94
N VAL B 283 7.77 -11.96 -16.95
CA VAL B 283 7.29 -10.74 -16.31
C VAL B 283 7.77 -9.57 -17.14
N ILE B 284 6.86 -9.05 -17.97
CA ILE B 284 7.21 -8.05 -18.97
C ILE B 284 7.23 -6.65 -18.39
N SER B 285 6.55 -6.46 -17.27
CA SER B 285 6.41 -5.14 -16.69
C SER B 285 6.44 -5.14 -15.16
N THR B 286 7.03 -4.10 -14.59
CA THR B 286 6.91 -3.84 -13.15
C THR B 286 6.72 -2.34 -12.93
N ALA B 287 6.15 -2.00 -11.78
CA ALA B 287 5.93 -0.60 -11.42
C ALA B 287 6.02 -0.45 -9.90
N CYS B 288 6.42 0.74 -9.44
CA CYS B 288 6.53 1.00 -8.01
C CYS B 288 5.60 2.13 -7.58
N HIS B 289 4.79 1.87 -6.55
CA HIS B 289 3.85 2.87 -6.04
C HIS B 289 4.56 4.17 -5.64
N PRO B 290 3.95 5.32 -5.93
CA PRO B 290 4.55 6.64 -5.68
C PRO B 290 4.82 6.96 -4.20
N THR B 291 4.03 6.42 -3.28
CA THR B 291 4.21 6.75 -1.87
C THR B 291 4.31 5.55 -0.93
N GLU B 292 3.74 4.42 -1.31
CA GLU B 292 3.75 3.23 -0.45
C GLU B 292 4.71 2.18 -1.01
N ASN B 293 5.13 1.25 -0.14
CA ASN B 293 6.02 0.17 -0.55
C ASN B 293 5.21 -0.94 -1.20
N ILE B 294 4.81 -0.70 -2.45
CA ILE B 294 3.99 -1.63 -3.21
C ILE B 294 4.54 -1.78 -4.62
N ILE B 295 4.62 -3.03 -5.09
CA ILE B 295 5.05 -3.30 -6.46
C ILE B 295 3.95 -4.00 -7.25
N ALA B 296 3.72 -3.52 -8.47
CA ALA B 296 2.84 -4.22 -9.40
C ALA B 296 3.69 -4.94 -10.43
N SER B 297 3.28 -6.13 -10.82
CA SER B 297 3.96 -6.87 -11.89
C SER B 297 2.94 -7.52 -12.82
N ALA B 298 3.31 -7.71 -14.08
CA ALA B 298 2.41 -8.30 -15.07
C ALA B 298 3.17 -9.21 -16.06
N ALA B 299 2.47 -10.22 -16.57
CA ALA B 299 3.14 -11.29 -17.30
C ALA B 299 2.50 -11.58 -18.66
N LEU B 300 3.19 -12.39 -19.46
CA LEU B 300 2.77 -12.64 -20.83
C LEU B 300 1.72 -13.74 -20.96
N GLU B 301 1.62 -14.30 -22.16
CA GLU B 301 0.46 -15.07 -22.61
C GLU B 301 0.07 -16.25 -21.72
N ASN B 302 1.05 -16.96 -21.17
CA ASN B 302 0.77 -18.14 -20.36
C ASN B 302 0.34 -17.78 -18.93
N ASP B 303 0.12 -16.49 -18.69
CA ASP B 303 -0.19 -16.01 -17.35
C ASP B 303 -1.34 -15.00 -17.44
N LYS B 304 -1.07 -13.87 -18.06
CA LYS B 304 -2.11 -12.88 -18.35
C LYS B 304 -2.61 -12.14 -17.11
N THR B 305 -1.93 -12.29 -15.98
CA THR B 305 -2.37 -11.66 -14.75
C THR B 305 -1.43 -10.56 -14.26
N ILE B 306 -1.97 -9.72 -13.40
CA ILE B 306 -1.23 -8.68 -12.73
C ILE B 306 -1.15 -9.07 -11.27
N LYS B 307 -0.02 -8.82 -10.62
CA LYS B 307 0.11 -9.15 -9.21
C LYS B 307 0.58 -7.95 -8.40
N LEU B 308 0.03 -7.82 -7.19
CA LEU B 308 0.42 -6.74 -6.28
C LEU B 308 1.21 -7.30 -5.10
N TRP B 309 2.36 -6.70 -4.83
CA TRP B 309 3.27 -7.16 -3.79
C TRP B 309 3.49 -6.02 -2.80
N LYS B 310 3.43 -6.33 -1.50
CA LYS B 310 3.60 -5.30 -0.48
C LYS B 310 4.76 -5.63 0.45
N SER B 311 5.44 -4.59 0.91
CA SER B 311 6.60 -4.73 1.78
C SER B 311 6.42 -3.88 3.03
N ASP B 312 6.94 -4.33 4.16
CA ASP B 312 6.85 -3.59 5.41
C ASP B 312 7.84 -2.42 5.47
N CYS B 313 8.76 -2.36 4.51
CA CYS B 313 9.78 -1.32 4.49
C CYS B 313 10.24 -0.98 3.07
CM ALQ C 1 -8.39 -4.12 31.68
CA ALQ C 1 -9.15 -3.52 32.87
CB ALQ C 1 -8.56 -3.91 34.23
C ALQ C 1 -9.33 -2.03 32.74
O ALQ C 1 -10.49 -1.63 32.71
CA 0XO C 2 -8.65 0.25 32.59
C 0XO C 2 -9.68 0.52 31.52
CAZ 0XO C 2 -9.24 0.60 33.96
N 0XO C 2 -8.30 -1.17 32.64
O 0XO C 2 -10.63 1.26 31.75
CBA 0XO C 2 -7.44 1.10 32.25
C02 0XO C 2 -11.04 0.97 35.99
N02 0XO C 2 -12.16 0.46 35.20
C3 0XO C 2 -10.39 2.27 35.47
C4 0XO C 2 -9.46 2.08 34.26
N ARG C 3 -9.51 -0.06 30.34
CA ARG C 3 -10.44 0.19 29.24
C ARG C 3 -11.82 -0.24 29.60
N ABA C 4 -11.95 -1.22 30.49
CA ABA C 4 -13.25 -1.76 30.81
C ABA C 4 -13.93 -1.03 31.95
O ABA C 4 -15.06 -1.35 32.28
CB ABA C 4 -13.17 -3.25 31.14
CG ABA C 4 -12.61 -4.05 29.96
N PG9 C 5 -13.27 -0.06 32.58
CA PG9 C 5 -13.93 0.81 33.55
CB PG9 C 5 -14.48 2.02 32.90
CG1 PG9 C 5 -13.87 2.56 31.76
CD1 PG9 C 5 -14.38 3.70 31.16
CE PG9 C 5 -15.49 4.33 31.69
CD2 PG9 C 5 -16.10 3.81 32.83
CG2 PG9 C 5 -15.59 2.67 33.43
C PG9 C 5 -13.07 1.29 34.69
O PG9 C 5 -13.24 2.41 35.13
CM ALQ D 1 0.78 -5.08 -27.58
CA ALQ D 1 0.94 -6.20 -28.61
CB ALQ D 1 -0.06 -6.08 -29.76
C ALQ D 1 2.34 -6.30 -29.13
O ALQ D 1 2.98 -7.27 -28.77
CA 0XO D 2 4.27 -5.35 -30.29
C 0XO D 2 5.13 -5.84 -29.16
CAZ 0XO D 2 4.62 -6.21 -31.51
N 0XO D 2 2.85 -5.37 -29.94
O 0XO D 2 5.91 -6.76 -29.34
CBA 0XO D 2 4.71 -3.93 -30.63
C02 0XO D 2 4.14 -9.85 -32.48
N02 0XO D 2 4.41 -10.28 -31.13
C3 0XO D 2 4.49 -8.38 -32.72
C4 0XO D 2 3.79 -7.47 -31.70
N ARG D 3 5.00 -5.23 -27.98
CA ARG D 3 5.91 -5.54 -26.91
C ARG D 3 5.79 -6.99 -26.47
N ABA D 4 4.61 -7.60 -26.67
CA ABA D 4 4.37 -8.96 -26.20
C ABA D 4 4.77 -10.05 -27.17
O ABA D 4 4.57 -11.23 -26.88
CB ABA D 4 2.90 -9.14 -25.84
CG ABA D 4 2.51 -8.18 -24.73
N PG9 D 5 5.31 -9.69 -28.33
CA PG9 D 5 5.89 -10.68 -29.23
CB PG9 D 5 7.35 -10.78 -29.03
CG1 PG9 D 5 8.10 -9.65 -28.70
CD1 PG9 D 5 9.47 -9.76 -28.51
CE PG9 D 5 10.10 -10.99 -28.68
CD2 PG9 D 5 9.37 -12.12 -29.02
CG2 PG9 D 5 7.99 -12.01 -29.20
C PG9 D 5 5.66 -10.35 -30.68
O PG9 D 5 6.61 -10.18 -31.43
#